data_8S9A
#
_entry.id   8S9A
#
_cell.length_a   48.222
_cell.length_b   112.940
_cell.length_c   157.348
_cell.angle_alpha   90.00
_cell.angle_beta   90.00
_cell.angle_gamma   90.00
#
_symmetry.space_group_name_H-M   'P 21 21 21'
#
loop_
_entity.id
_entity.type
_entity.pdbx_description
1 polymer 'Non-receptor tyrosine-protein kinase TYK2'
2 non-polymer "(8S)-N-[(1R,2R)-2-methoxycyclobutyl]-7-(methylamino)-5-{[(1P,2'P)-2-oxo-2H-[1,2'-bipyridin]-3-yl]amino}pyrazolo[1,5-a]pyrimidine-3-carboxamide"
3 non-polymer 'ACETATE ION'
4 non-polymer 1,2-ETHANEDIOL
5 water water
#
_entity_poly.entity_id   1
_entity_poly.type   'polypeptide(L)'
_entity_poly.pdbx_seq_one_letter_code
;NLSQLSFHRVDQKEITQLSHLGQGTRTNVYEGRLRVEGSGDPEEGKMDDEDPLVPGRDRGQELRVVLKVLDPSHHDIALA
FYETASLMSQVSHTHLAFVHGVCVRGPENIMVTEYVEHGPLDVWLRRERGHVPMAWKMVVAQQLASALSYLENKNLVHGN
VCGRNILLARLGLAEGTSPFIKLSDPGVGLGALSREERVERIPWLAPECLPGGANSLSTAMDKWGFGATLLEICFDGEAP
LQSRSPSEKEHFYQRQHRLPEPSCPQLATLTSQCLTYEPTQRPSFRTILRDLTRL
;
_entity_poly.pdbx_strand_id   A,B,C
#
loop_
_chem_comp.id
_chem_comp.type
_chem_comp.name
_chem_comp.formula
ACT non-polymer 'ACETATE ION' 'C2 H3 O2 -1'
EDO non-polymer 1,2-ETHANEDIOL 'C2 H6 O2'
ZSB non-polymer (8S)-N-[(1R,2R)-2-methoxycyclobutyl]-7-(methylamino)-5-{[(1P,2'P)-2-oxo-2H-[1,2'-bipyridin]-3-yl]amino}pyrazolo[1,5-a]pyrimidine-3-carboxamide 'C23 H24 N8 O3'
#
# COMPACT_ATOMS: atom_id res chain seq x y z
N SER A 3 7.35 -0.04 -8.99
CA SER A 3 6.22 -1.01 -8.98
C SER A 3 5.45 -0.92 -7.64
N GLN A 4 6.15 -0.73 -6.52
CA GLN A 4 5.56 -0.74 -5.15
C GLN A 4 4.89 0.61 -4.80
N LEU A 5 5.01 1.65 -5.64
CA LEU A 5 4.77 3.08 -5.25
C LEU A 5 3.52 3.64 -5.93
N SER A 6 2.86 4.59 -5.28
CA SER A 6 1.62 5.21 -5.81
C SER A 6 1.52 6.66 -5.35
N PHE A 7 1.59 7.60 -6.29
CA PHE A 7 1.42 9.05 -6.06
C PHE A 7 1.00 9.71 -7.36
N HIS A 8 0.42 10.91 -7.27
N HIS A 8 0.40 10.91 -7.28
CA HIS A 8 -0.06 11.70 -8.43
CA HIS A 8 -0.04 11.67 -8.46
C HIS A 8 1.13 12.37 -9.11
C HIS A 8 1.17 12.33 -9.12
N ARG A 9 1.23 12.25 -10.44
CA ARG A 9 2.25 12.98 -11.23
C ARG A 9 1.66 14.38 -11.46
N VAL A 10 2.40 15.43 -11.11
CA VAL A 10 1.95 16.83 -11.29
C VAL A 10 2.66 17.37 -12.53
N ASP A 11 1.91 17.91 -13.48
CA ASP A 11 2.45 18.56 -14.71
C ASP A 11 3.13 19.87 -14.30
N GLN A 12 4.34 20.13 -14.81
CA GLN A 12 5.09 21.39 -14.57
C GLN A 12 4.21 22.63 -14.88
N LYS A 13 3.33 22.56 -15.88
CA LYS A 13 2.50 23.74 -16.29
C LYS A 13 1.50 24.07 -15.18
N GLU A 14 1.24 23.15 -14.25
CA GLU A 14 0.25 23.33 -13.16
C GLU A 14 0.88 24.00 -11.94
N ILE A 15 2.19 24.25 -11.91
CA ILE A 15 2.84 24.78 -10.68
C ILE A 15 3.59 26.07 -11.04
N THR A 16 3.59 26.99 -10.08
CA THR A 16 4.33 28.27 -10.08
C THR A 16 5.21 28.27 -8.84
N GLN A 17 6.48 28.60 -8.99
CA GLN A 17 7.44 28.70 -7.88
C GLN A 17 7.55 30.17 -7.46
N LEU A 18 7.30 30.45 -6.18
CA LEU A 18 7.38 31.82 -5.62
C LEU A 18 8.59 31.85 -4.68
N SER A 19 8.49 32.43 -3.49
CA SER A 19 9.71 32.71 -2.69
C SER A 19 10.27 31.45 -2.02
N HIS A 20 11.59 31.45 -1.88
CA HIS A 20 12.36 30.46 -1.09
C HIS A 20 12.01 30.61 0.38
N LEU A 21 11.73 29.49 1.04
CA LEU A 21 11.33 29.38 2.46
C LEU A 21 12.41 28.72 3.32
N GLY A 22 13.26 27.88 2.74
CA GLY A 22 14.37 27.27 3.48
C GLY A 22 14.86 26.00 2.82
N GLN A 23 15.71 25.27 3.54
CA GLN A 23 16.29 23.99 3.07
C GLN A 23 15.77 22.87 3.95
N GLY A 24 15.55 21.71 3.35
CA GLY A 24 15.43 20.41 4.03
C GLY A 24 16.61 19.54 3.66
N THR A 25 16.58 18.27 4.05
CA THR A 25 17.63 17.30 3.69
C THR A 25 17.62 17.07 2.17
N ARG A 26 18.65 17.55 1.49
CA ARG A 26 18.81 17.47 0.00
C ARG A 26 17.69 18.24 -0.72
N THR A 27 17.01 19.19 -0.09
CA THR A 27 15.88 19.92 -0.75
C THR A 27 15.93 21.44 -0.48
N ASN A 28 15.32 22.18 -1.40
CA ASN A 28 14.98 23.61 -1.22
C ASN A 28 13.46 23.70 -1.28
N VAL A 29 12.90 24.44 -0.35
CA VAL A 29 11.42 24.59 -0.17
C VAL A 29 11.03 25.99 -0.63
N TYR A 30 9.99 26.08 -1.47
CA TYR A 30 9.44 27.34 -2.02
C TYR A 30 7.96 27.42 -1.72
N GLU A 31 7.45 28.61 -1.47
CA GLU A 31 6.00 28.84 -1.63
C GLU A 31 5.69 28.61 -3.12
N GLY A 32 4.52 28.07 -3.41
CA GLY A 32 4.09 27.90 -4.81
C GLY A 32 2.59 28.01 -4.95
N ARG A 33 2.14 27.87 -6.19
CA ARG A 33 0.71 27.72 -6.56
C ARG A 33 0.57 26.42 -7.35
N LEU A 34 -0.50 25.69 -7.06
CA LEU A 34 -0.95 24.50 -7.81
C LEU A 34 -2.32 24.80 -8.43
N ARG A 35 -2.39 24.74 -9.75
CA ARG A 35 -3.66 24.93 -10.51
C ARG A 35 -4.35 23.57 -10.63
N VAL A 36 -5.64 23.51 -10.26
CA VAL A 36 -6.41 22.24 -10.04
C VAL A 36 -7.80 22.32 -10.69
N GLN A 61 -9.07 26.92 -9.99
CA GLN A 61 -8.59 27.18 -8.61
C GLN A 61 -7.05 27.16 -8.61
N GLU A 62 -6.44 27.97 -7.75
CA GLU A 62 -4.98 28.28 -7.70
C GLU A 62 -4.51 28.12 -6.26
N LEU A 63 -4.24 26.87 -5.83
CA LEU A 63 -4.05 26.55 -4.40
C LEU A 63 -2.64 26.97 -3.96
N ARG A 64 -2.52 27.63 -2.81
CA ARG A 64 -1.20 27.85 -2.17
C ARG A 64 -0.63 26.50 -1.75
N VAL A 65 0.63 26.22 -2.09
CA VAL A 65 1.32 24.96 -1.72
C VAL A 65 2.78 25.27 -1.40
N VAL A 66 3.54 24.27 -0.98
CA VAL A 66 5.02 24.36 -0.96
C VAL A 66 5.58 23.38 -1.98
N LEU A 67 6.66 23.80 -2.61
CA LEU A 67 7.39 22.99 -3.59
C LEU A 67 8.69 22.58 -2.93
N LYS A 68 8.96 21.29 -2.89
CA LYS A 68 10.22 20.79 -2.30
C LYS A 68 11.07 20.27 -3.46
N VAL A 69 12.10 21.02 -3.82
CA VAL A 69 12.91 20.78 -5.04
C VAL A 69 14.12 19.94 -4.62
N LEU A 70 14.20 18.71 -5.12
CA LEU A 70 15.30 17.81 -4.79
C LEU A 70 16.60 18.34 -5.42
N ASP A 71 17.68 18.31 -4.65
CA ASP A 71 19.06 18.53 -5.15
C ASP A 71 19.30 17.62 -6.36
N PRO A 72 20.24 17.96 -7.26
CA PRO A 72 20.77 16.98 -8.19
C PRO A 72 21.22 15.76 -7.38
N SER A 73 20.75 14.59 -7.75
CA SER A 73 20.80 13.39 -6.89
C SER A 73 21.07 12.13 -7.71
N HIS A 74 21.72 11.16 -7.08
CA HIS A 74 21.76 9.74 -7.53
C HIS A 74 20.34 9.17 -7.57
N HIS A 75 20.07 8.21 -8.46
CA HIS A 75 18.76 7.53 -8.65
C HIS A 75 18.19 7.05 -7.30
N ASP A 76 19.06 6.57 -6.39
CA ASP A 76 18.64 5.96 -5.09
C ASP A 76 18.00 7.04 -4.22
N ILE A 77 18.52 8.27 -4.26
CA ILE A 77 17.96 9.40 -3.47
C ILE A 77 16.62 9.80 -4.10
N ALA A 78 16.57 9.89 -5.43
CA ALA A 78 15.30 10.20 -6.13
C ALA A 78 14.24 9.15 -5.75
N LEU A 79 14.64 7.88 -5.70
N LEU A 79 14.63 7.87 -5.68
CA LEU A 79 13.72 6.76 -5.34
CA LEU A 79 13.67 6.77 -5.38
C LEU A 79 13.17 6.98 -3.94
C LEU A 79 13.19 6.88 -3.92
N ALA A 80 14.07 7.25 -2.98
CA ALA A 80 13.74 7.46 -1.56
C ALA A 80 12.76 8.65 -1.45
N PHE A 81 12.91 9.65 -2.31
CA PHE A 81 12.00 10.82 -2.42
C PHE A 81 10.60 10.36 -2.87
N TYR A 82 10.56 9.60 -3.96
CA TYR A 82 9.29 9.00 -4.47
C TYR A 82 8.64 8.12 -3.40
N GLU A 83 9.43 7.34 -2.67
CA GLU A 83 8.91 6.45 -1.60
C GLU A 83 8.17 7.28 -0.54
N THR A 84 8.71 8.43 -0.17
CA THR A 84 8.06 9.34 0.81
C THR A 84 6.75 9.87 0.19
N ALA A 85 6.76 10.29 -1.07
CA ALA A 85 5.55 10.78 -1.77
C ALA A 85 4.49 9.68 -1.72
N SER A 86 4.92 8.43 -1.89
CA SER A 86 4.00 7.26 -1.98
C SER A 86 3.37 6.97 -0.63
N LEU A 87 4.19 6.94 0.42
CA LEU A 87 3.77 6.87 1.85
C LEU A 87 2.68 7.91 2.13
N MET A 88 3.01 9.17 1.90
CA MET A 88 2.19 10.29 2.39
C MET A 88 0.88 10.35 1.58
N SER A 89 0.90 9.88 0.33
CA SER A 89 -0.24 9.90 -0.61
C SER A 89 -1.27 8.83 -0.23
N GLN A 90 -0.91 7.83 0.56
N GLN A 90 -0.84 7.81 0.54
CA GLN A 90 -1.84 6.72 0.89
CA GLN A 90 -1.59 6.58 0.94
C GLN A 90 -2.20 6.73 2.38
C GLN A 90 -2.23 6.76 2.34
N VAL A 91 -1.83 7.77 3.11
CA VAL A 91 -2.30 7.99 4.51
C VAL A 91 -3.15 9.27 4.56
N SER A 92 -4.04 9.34 5.54
CA SER A 92 -4.88 10.51 5.89
C SER A 92 -4.94 10.61 7.41
N HIS A 93 -4.65 11.77 7.95
CA HIS A 93 -4.95 12.14 9.35
C HIS A 93 -4.99 13.66 9.44
N THR A 94 -5.81 14.18 10.32
CA THR A 94 -5.98 15.66 10.43
C THR A 94 -4.65 16.31 10.87
N HIS A 95 -3.75 15.56 11.51
CA HIS A 95 -2.44 16.10 11.98
C HIS A 95 -1.29 15.59 11.11
N LEU A 96 -1.57 15.18 9.89
CA LEU A 96 -0.56 14.84 8.88
C LEU A 96 -0.74 15.80 7.69
N ALA A 97 0.34 16.44 7.25
CA ALA A 97 0.30 17.36 6.09
C ALA A 97 -0.03 16.57 4.82
N PHE A 98 -0.76 17.19 3.91
CA PHE A 98 -1.17 16.62 2.60
C PHE A 98 -0.01 16.66 1.59
N VAL A 99 0.15 15.61 0.80
CA VAL A 99 1.09 15.62 -0.34
C VAL A 99 0.24 15.57 -1.61
N HIS A 100 0.38 16.55 -2.49
CA HIS A 100 -0.41 16.68 -3.74
C HIS A 100 0.20 15.80 -4.84
N GLY A 101 1.50 15.60 -4.82
CA GLY A 101 2.12 14.74 -5.82
C GLY A 101 3.55 15.12 -6.07
N VAL A 102 4.08 14.66 -7.19
CA VAL A 102 5.49 14.88 -7.60
C VAL A 102 5.47 15.39 -9.03
N CYS A 103 6.19 16.48 -9.27
CA CYS A 103 6.49 17.00 -10.62
C CYS A 103 7.92 16.60 -11.01
N VAL A 104 8.06 15.88 -12.11
CA VAL A 104 9.37 15.59 -12.75
C VAL A 104 9.57 16.62 -13.87
N ARG A 105 10.84 16.96 -14.12
CA ARG A 105 11.27 17.96 -15.14
C ARG A 105 12.63 17.49 -15.67
N GLY A 106 12.66 16.23 -16.16
CA GLY A 106 13.84 15.49 -16.63
C GLY A 106 14.63 14.92 -15.46
N PRO A 107 15.78 15.54 -15.10
CA PRO A 107 16.54 15.15 -13.92
C PRO A 107 15.98 15.75 -12.62
N GLU A 108 15.10 16.76 -12.73
CA GLU A 108 14.60 17.58 -11.59
C GLU A 108 13.28 17.03 -11.02
N ASN A 109 13.23 16.90 -9.69
CA ASN A 109 12.09 16.27 -8.96
C ASN A 109 11.59 17.26 -7.91
N ILE A 110 10.28 17.52 -7.94
N ILE A 110 10.28 17.51 -7.92
CA ILE A 110 9.61 18.49 -7.04
CA ILE A 110 9.61 18.51 -7.05
C ILE A 110 8.45 17.77 -6.35
C ILE A 110 8.43 17.85 -6.36
N MET A 111 8.49 17.70 -5.03
CA MET A 111 7.32 17.23 -4.26
C MET A 111 6.44 18.46 -4.02
N VAL A 112 5.14 18.28 -4.22
CA VAL A 112 4.17 19.38 -4.00
C VAL A 112 3.35 19.02 -2.75
N THR A 113 3.47 19.85 -1.70
CA THR A 113 2.95 19.51 -0.36
C THR A 113 2.19 20.70 0.23
N GLU A 114 1.46 20.45 1.31
CA GLU A 114 0.57 21.44 1.98
C GLU A 114 1.40 22.61 2.54
N TYR A 115 1.01 23.82 2.15
CA TYR A 115 1.46 25.05 2.81
C TYR A 115 0.72 25.16 4.13
N VAL A 116 1.48 25.28 5.20
CA VAL A 116 0.90 25.36 6.57
C VAL A 116 1.27 26.72 7.14
N GLU A 117 0.23 27.50 7.48
CA GLU A 117 0.27 28.99 7.61
C GLU A 117 1.47 29.50 8.41
N HIS A 118 1.73 29.00 9.62
CA HIS A 118 2.70 29.65 10.53
C HIS A 118 4.08 28.96 10.49
N GLY A 119 4.25 27.93 9.66
CA GLY A 119 5.58 27.36 9.39
C GLY A 119 6.06 26.39 10.47
N PRO A 120 7.36 26.05 10.46
CA PRO A 120 7.94 25.07 11.38
C PRO A 120 7.91 25.49 12.85
N LEU A 121 7.59 24.54 13.71
CA LEU A 121 7.39 24.79 15.15
C LEU A 121 8.71 25.16 15.83
N ASP A 122 9.84 24.55 15.44
CA ASP A 122 11.11 24.79 16.17
C ASP A 122 11.43 26.29 16.05
N VAL A 123 11.35 26.81 14.84
CA VAL A 123 11.64 28.23 14.52
C VAL A 123 10.63 29.10 15.29
N TRP A 124 9.37 28.70 15.29
CA TRP A 124 8.27 29.49 15.90
C TRP A 124 8.51 29.61 17.42
N LEU A 125 8.88 28.49 18.05
CA LEU A 125 9.09 28.42 19.51
C LEU A 125 10.29 29.29 19.91
N ARG A 126 11.35 29.28 19.11
CA ARG A 126 12.59 30.03 19.43
C ARG A 126 12.24 31.53 19.37
N ARG A 127 11.40 31.90 18.40
CA ARG A 127 10.99 33.30 18.21
C ARG A 127 10.01 33.72 19.32
N GLU A 128 9.16 32.81 19.81
CA GLU A 128 8.10 33.13 20.81
C GLU A 128 8.57 32.76 22.23
N ARG A 129 9.86 32.44 22.41
CA ARG A 129 10.45 32.02 23.71
C ARG A 129 9.95 32.95 24.81
N GLY A 130 9.41 32.40 25.90
CA GLY A 130 9.01 33.19 27.08
C GLY A 130 7.53 33.55 27.10
N HIS A 131 6.75 33.17 26.10
CA HIS A 131 5.28 33.39 26.22
C HIS A 131 4.51 32.25 25.55
N VAL A 132 5.08 31.05 25.53
CA VAL A 132 4.32 29.83 25.13
C VAL A 132 4.05 29.03 26.40
N PRO A 133 2.79 28.99 26.86
CA PRO A 133 2.46 28.30 28.12
C PRO A 133 2.54 26.77 27.96
N MET A 134 2.66 26.07 29.09
CA MET A 134 2.74 24.59 29.14
C MET A 134 1.45 24.00 28.55
N ALA A 135 0.29 24.56 28.83
CA ALA A 135 -1.01 23.99 28.38
C ALA A 135 -1.02 23.92 26.85
N TRP A 136 -0.50 24.95 26.20
CA TRP A 136 -0.39 25.05 24.73
C TRP A 136 0.51 23.92 24.22
N LYS A 137 1.67 23.77 24.85
CA LYS A 137 2.63 22.70 24.52
C LYS A 137 1.97 21.32 24.65
N MET A 138 1.14 21.11 25.68
CA MET A 138 0.49 19.81 25.92
C MET A 138 -0.54 19.50 24.81
N VAL A 139 -1.20 20.51 24.27
CA VAL A 139 -2.12 20.30 23.12
C VAL A 139 -1.31 19.82 21.92
N VAL A 140 -0.20 20.48 21.65
CA VAL A 140 0.68 20.15 20.51
C VAL A 140 1.18 18.71 20.67
N ALA A 141 1.59 18.32 21.87
CA ALA A 141 2.10 16.94 22.12
C ALA A 141 0.96 15.94 21.87
N GLN A 142 -0.26 16.27 22.28
CA GLN A 142 -1.46 15.40 22.09
C GLN A 142 -1.71 15.23 20.58
N GLN A 143 -1.65 16.32 19.83
CA GLN A 143 -1.94 16.27 18.37
C GLN A 143 -0.89 15.42 17.65
N LEU A 144 0.37 15.67 17.96
CA LEU A 144 1.47 14.87 17.39
C LEU A 144 1.26 13.41 17.77
N ALA A 145 0.95 13.13 19.04
CA ALA A 145 0.71 11.74 19.47
C ALA A 145 -0.45 11.10 18.68
N SER A 146 -1.52 11.85 18.36
N SER A 146 -1.52 11.86 18.40
CA SER A 146 -2.68 11.28 17.61
CA SER A 146 -2.68 11.38 17.60
C SER A 146 -2.27 10.97 16.16
C SER A 146 -2.17 10.93 16.22
N ALA A 147 -1.41 11.79 15.55
CA ALA A 147 -0.81 11.50 14.23
C ALA A 147 0.03 10.21 14.31
N LEU A 148 0.86 10.07 15.35
CA LEU A 148 1.82 8.93 15.43
C LEU A 148 1.09 7.65 15.89
N SER A 149 -0.03 7.77 16.64
CA SER A 149 -0.94 6.65 16.99
C SER A 149 -1.50 6.07 15.69
N TYR A 150 -1.94 6.93 14.77
CA TYR A 150 -2.50 6.51 13.47
C TYR A 150 -1.41 5.76 12.68
N LEU A 151 -0.18 6.30 12.58
CA LEU A 151 0.88 5.61 11.79
C LEU A 151 1.28 4.29 12.46
N GLU A 152 1.29 4.23 13.79
CA GLU A 152 1.63 3.01 14.54
C GLU A 152 0.63 1.93 14.18
N ASN A 153 -0.66 2.28 14.21
CA ASN A 153 -1.78 1.38 13.86
C ASN A 153 -1.68 0.91 12.41
N LYS A 154 -1.14 1.74 11.51
CA LYS A 154 -0.93 1.40 10.09
C LYS A 154 0.37 0.59 9.94
N ASN A 155 1.21 0.55 10.97
CA ASN A 155 2.58 -0.04 10.90
C ASN A 155 3.37 0.67 9.78
N LEU A 156 3.32 2.00 9.73
CA LEU A 156 4.12 2.81 8.78
C LEU A 156 5.05 3.74 9.56
N VAL A 157 6.29 3.80 9.14
CA VAL A 157 7.34 4.61 9.81
C VAL A 157 7.35 5.98 9.15
N HIS A 158 7.35 7.05 9.95
CA HIS A 158 7.66 8.42 9.47
C HIS A 158 9.17 8.57 9.39
N GLY A 159 9.85 8.36 10.51
CA GLY A 159 11.32 8.29 10.58
C GLY A 159 12.02 9.63 10.61
N ASN A 160 11.30 10.75 10.70
CA ASN A 160 11.94 12.10 10.85
C ASN A 160 11.02 13.00 11.70
N VAL A 161 10.59 12.50 12.85
CA VAL A 161 9.81 13.29 13.83
C VAL A 161 10.78 14.27 14.53
N CYS A 162 10.52 15.56 14.34
CA CYS A 162 11.30 16.64 14.94
C CYS A 162 10.49 17.93 14.82
N GLY A 163 10.86 18.91 15.64
CA GLY A 163 10.19 20.22 15.69
C GLY A 163 10.12 20.88 14.33
N ARG A 164 11.16 20.70 13.50
CA ARG A 164 11.22 21.31 12.16
C ARG A 164 10.09 20.77 11.29
N ASN A 165 9.71 19.51 11.49
CA ASN A 165 8.69 18.84 10.64
C ASN A 165 7.31 19.02 11.23
N ILE A 166 7.18 19.71 12.37
CA ILE A 166 5.83 20.04 12.89
C ILE A 166 5.48 21.41 12.37
N LEU A 167 4.39 21.53 11.62
CA LEU A 167 4.00 22.82 11.01
C LEU A 167 2.81 23.34 11.78
N LEU A 168 2.81 24.63 12.08
CA LEU A 168 1.73 25.25 12.86
C LEU A 168 0.69 25.84 11.91
N ALA A 169 -0.52 25.22 11.87
CA ALA A 169 -1.66 25.71 11.07
C ALA A 169 -2.43 26.83 11.78
N ARG A 170 -2.52 26.77 13.12
CA ARG A 170 -3.29 27.74 13.95
C ARG A 170 -2.47 28.02 15.21
N LEU A 171 -2.32 29.32 15.52
CA LEU A 171 -1.42 29.87 16.55
C LEU A 171 -1.88 29.38 17.91
N GLY A 172 -3.15 29.59 18.24
CA GLY A 172 -3.76 29.14 19.51
C GLY A 172 -3.25 29.90 20.73
N LEU A 173 -2.76 31.14 20.60
CA LEU A 173 -2.26 31.93 21.77
C LEU A 173 -3.38 32.86 22.28
N ALA A 174 -4.21 33.39 21.37
CA ALA A 174 -5.37 34.25 21.73
C ALA A 174 -6.26 33.51 22.73
N GLU A 175 -6.90 34.26 23.62
CA GLU A 175 -7.87 33.74 24.63
C GLU A 175 -8.98 32.98 23.89
N GLY A 176 -9.34 31.78 24.36
CA GLY A 176 -10.39 30.94 23.77
C GLY A 176 -9.96 30.24 22.48
N THR A 177 -8.66 30.16 22.15
CA THR A 177 -8.18 29.47 20.93
C THR A 177 -7.23 28.35 21.38
N SER A 178 -6.96 27.41 20.49
CA SER A 178 -5.99 26.32 20.71
C SER A 178 -5.19 26.12 19.44
N PRO A 179 -3.92 25.68 19.56
CA PRO A 179 -3.09 25.50 18.38
C PRO A 179 -3.54 24.28 17.57
N PHE A 180 -3.09 24.21 16.32
CA PHE A 180 -3.35 23.07 15.42
C PHE A 180 -2.11 22.79 14.57
N ILE A 181 -1.58 21.58 14.64
CA ILE A 181 -0.30 21.24 13.95
C ILE A 181 -0.57 20.24 12.83
N LYS A 182 0.33 20.22 11.86
CA LYS A 182 0.43 19.18 10.80
C LYS A 182 1.86 18.67 10.77
N LEU A 183 2.06 17.37 10.91
CA LEU A 183 3.39 16.75 10.76
C LEU A 183 3.71 16.65 9.27
N SER A 184 4.80 17.29 8.84
CA SER A 184 5.33 17.30 7.47
C SER A 184 5.66 15.87 7.03
N ASP A 185 5.68 15.68 5.73
CA ASP A 185 6.29 14.51 5.08
C ASP A 185 7.72 14.46 5.62
N PRO A 186 8.29 13.25 5.82
CA PRO A 186 9.64 13.15 6.38
C PRO A 186 10.81 13.51 5.44
N GLY A 187 10.49 13.82 4.18
CA GLY A 187 11.44 14.11 3.11
C GLY A 187 12.16 12.84 2.68
N VAL A 188 13.37 12.97 2.16
CA VAL A 188 14.15 11.81 1.66
C VAL A 188 14.23 10.76 2.79
N GLY A 189 13.82 9.54 2.52
CA GLY A 189 13.84 8.44 3.49
C GLY A 189 15.18 8.27 4.16
N LEU A 190 15.15 8.06 5.48
CA LEU A 190 16.33 7.91 6.37
C LEU A 190 17.25 6.82 5.85
N GLY A 191 16.65 5.76 5.30
CA GLY A 191 17.37 4.61 4.75
C GLY A 191 18.32 5.01 3.63
N ALA A 192 18.10 6.14 2.95
CA ALA A 192 18.98 6.53 1.83
C ALA A 192 20.04 7.55 2.26
N LEU A 193 20.03 8.03 3.50
CA LEU A 193 20.94 9.14 3.89
C LEU A 193 22.31 8.58 4.32
N SER A 194 23.33 9.43 4.34
CA SER A 194 24.71 9.10 4.80
C SER A 194 24.73 8.98 6.32
N ARG A 195 25.71 8.26 6.85
CA ARG A 195 25.93 8.15 8.32
C ARG A 195 26.11 9.56 8.88
N GLU A 196 26.84 10.43 8.17
CA GLU A 196 27.08 11.85 8.53
C GLU A 196 25.74 12.57 8.80
N GLU A 197 24.78 12.35 7.91
CA GLU A 197 23.46 12.99 8.00
C GLU A 197 22.70 12.39 9.20
N ARG A 198 22.81 11.08 9.41
CA ARG A 198 22.13 10.43 10.55
C ARG A 198 22.72 10.99 11.85
N VAL A 199 24.03 11.18 11.93
CA VAL A 199 24.64 11.74 13.17
C VAL A 199 24.13 13.16 13.40
N GLU A 200 23.97 13.96 12.34
CA GLU A 200 23.45 15.34 12.42
C GLU A 200 22.06 15.35 13.07
N ARG A 201 21.27 14.29 12.87
CA ARG A 201 19.86 14.20 13.37
C ARG A 201 19.78 13.68 14.80
N ILE A 202 20.91 13.38 15.44
CA ILE A 202 20.94 13.15 16.92
C ILE A 202 20.57 14.48 17.59
N PRO A 203 19.65 14.54 18.59
CA PRO A 203 19.05 13.36 19.25
C PRO A 203 17.66 12.86 18.81
N TRP A 204 17.14 13.36 17.68
CA TRP A 204 15.85 12.92 17.11
C TRP A 204 15.98 11.51 16.51
N LEU A 205 17.19 11.20 16.01
CA LEU A 205 17.51 9.87 15.41
C LEU A 205 17.43 8.82 16.52
N ALA A 206 16.65 7.77 16.32
CA ALA A 206 16.64 6.60 17.23
C ALA A 206 18.02 5.94 17.21
N PRO A 207 18.57 5.55 18.39
CA PRO A 207 19.93 5.02 18.45
C PRO A 207 20.17 3.78 17.56
N GLU A 208 19.12 2.96 17.36
CA GLU A 208 19.21 1.73 16.53
C GLU A 208 19.41 2.12 15.06
N CYS A 209 19.14 3.38 14.70
CA CYS A 209 19.20 3.88 13.31
C CYS A 209 20.56 4.48 13.00
N LEU A 210 21.49 4.50 13.97
CA LEU A 210 22.85 5.04 13.73
C LEU A 210 23.63 4.08 12.82
N PRO A 211 23.85 2.78 13.17
CA PRO A 211 24.68 1.89 12.35
C PRO A 211 24.25 1.74 10.88
N SER A 216 16.29 -1.99 11.67
CA SER A 216 16.01 -0.77 12.51
C SER A 216 14.79 0.02 12.03
N LEU A 217 14.33 -0.17 10.78
CA LEU A 217 13.13 0.55 10.24
C LEU A 217 11.86 -0.07 10.82
N SER A 218 11.57 0.30 12.07
CA SER A 218 10.37 -0.09 12.83
C SER A 218 9.67 1.18 13.30
N THR A 219 8.39 1.11 13.62
CA THR A 219 7.64 2.29 14.13
C THR A 219 8.24 2.68 15.49
N ALA A 220 8.98 1.79 16.13
CA ALA A 220 9.67 2.05 17.42
C ALA A 220 10.56 3.30 17.32
N MET A 221 11.14 3.58 16.14
CA MET A 221 12.02 4.77 15.97
C MET A 221 11.22 6.07 16.17
N ASP A 222 9.93 6.08 15.84
CA ASP A 222 9.08 7.29 15.95
C ASP A 222 8.72 7.55 17.43
N LYS A 223 8.81 6.53 18.29
CA LYS A 223 8.61 6.71 19.76
C LYS A 223 9.78 7.52 20.30
N TRP A 224 11.00 7.17 19.89
CA TRP A 224 12.21 7.94 20.24
C TRP A 224 12.10 9.37 19.70
N GLY A 225 11.81 9.53 18.40
CA GLY A 225 11.70 10.85 17.78
C GLY A 225 10.66 11.71 18.48
N PHE A 226 9.54 11.10 18.88
CA PHE A 226 8.47 11.76 19.65
C PHE A 226 9.07 12.30 20.95
N GLY A 227 9.74 11.41 21.70
CA GLY A 227 10.40 11.76 22.97
C GLY A 227 11.31 12.96 22.79
N ALA A 228 12.18 12.93 21.78
CA ALA A 228 13.18 13.99 21.48
C ALA A 228 12.43 15.29 21.16
N THR A 229 11.37 15.18 20.37
CA THR A 229 10.54 16.33 19.97
C THR A 229 9.83 16.94 21.19
N LEU A 230 9.30 16.14 22.11
CA LEU A 230 8.74 16.69 23.37
C LEU A 230 9.79 17.52 24.11
N LEU A 231 11.03 17.02 24.19
CA LEU A 231 12.09 17.74 24.92
C LEU A 231 12.31 19.07 24.19
N GLU A 232 12.42 19.01 22.88
CA GLU A 232 12.62 20.18 21.99
C GLU A 232 11.51 21.21 22.23
N ILE A 233 10.26 20.75 22.31
CA ILE A 233 9.10 21.65 22.58
C ILE A 233 9.22 22.23 23.99
N CYS A 234 9.50 21.40 24.99
CA CYS A 234 9.63 21.86 26.40
C CYS A 234 10.70 22.95 26.51
N PHE A 235 11.81 22.78 25.81
CA PHE A 235 12.99 23.69 25.82
C PHE A 235 12.88 24.77 24.73
N ASP A 236 11.65 25.08 24.29
CA ASP A 236 11.32 26.24 23.42
C ASP A 236 12.14 26.20 22.12
N GLY A 237 12.24 25.04 21.50
CA GLY A 237 12.87 24.88 20.17
C GLY A 237 14.39 24.82 20.24
N GLU A 238 14.97 24.76 21.43
CA GLU A 238 16.39 24.37 21.62
C GLU A 238 16.37 22.86 21.84
N ALA A 239 17.11 22.06 21.07
CA ALA A 239 17.13 20.59 21.31
C ALA A 239 18.37 20.26 22.12
N PRO A 240 18.36 19.19 22.93
CA PRO A 240 19.57 18.77 23.65
C PRO A 240 20.58 18.28 22.60
N LEU A 241 21.88 18.45 22.87
CA LEU A 241 23.03 17.89 22.08
C LEU A 241 23.29 18.70 20.79
N GLN A 242 22.43 19.65 20.43
CA GLN A 242 22.46 20.36 19.12
C GLN A 242 23.80 21.11 18.97
N SER A 243 24.33 21.63 20.08
CA SER A 243 25.63 22.34 20.18
C SER A 243 26.81 21.42 19.84
N ARG A 244 26.71 20.13 20.16
CA ARG A 244 27.86 19.19 20.19
C ARG A 244 28.25 18.76 18.77
N SER A 245 29.56 18.47 18.62
CA SER A 245 30.23 18.01 17.38
C SER A 245 29.71 16.62 17.02
N PRO A 246 29.90 16.16 15.76
CA PRO A 246 29.40 14.84 15.36
C PRO A 246 30.02 13.69 16.18
N SER A 247 31.32 13.79 16.52
N SER A 247 31.31 13.78 16.55
CA SER A 247 32.05 12.77 17.33
CA SER A 247 31.98 12.77 17.41
C SER A 247 31.37 12.64 18.70
C SER A 247 31.24 12.69 18.76
N GLU A 248 31.02 13.79 19.32
N GLU A 248 31.08 13.85 19.40
CA GLU A 248 30.44 13.86 20.68
CA GLU A 248 30.40 13.98 20.72
C GLU A 248 28.98 13.39 20.65
C GLU A 248 28.99 13.37 20.64
N LYS A 249 28.25 13.68 19.57
CA LYS A 249 26.85 13.19 19.43
C LYS A 249 26.86 11.67 19.31
N GLU A 250 27.71 11.13 18.45
CA GLU A 250 27.90 9.66 18.28
C GLU A 250 28.32 9.01 19.62
N HIS A 251 29.27 9.60 20.35
CA HIS A 251 29.78 9.02 21.62
C HIS A 251 28.64 8.96 22.66
N PHE A 252 27.78 9.97 22.68
CA PHE A 252 26.60 10.06 23.57
C PHE A 252 25.78 8.76 23.42
N TYR A 253 25.51 8.37 22.17
CA TYR A 253 24.69 7.18 21.85
C TYR A 253 25.49 5.91 22.15
N GLN A 254 26.78 5.88 21.79
CA GLN A 254 27.62 4.68 22.00
C GLN A 254 27.70 4.39 23.50
N ARG A 255 27.70 5.44 24.34
CA ARG A 255 27.83 5.33 25.81
C ARG A 255 26.46 5.17 26.48
N GLN A 256 25.39 5.19 25.67
CA GLN A 256 24.00 5.12 26.16
C GLN A 256 23.83 6.13 27.30
N HIS A 257 24.33 7.36 27.11
CA HIS A 257 24.03 8.51 27.99
C HIS A 257 22.52 8.80 27.91
N ARG A 258 21.91 9.16 29.04
CA ARG A 258 20.47 9.52 29.08
C ARG A 258 20.33 11.01 28.74
N LEU A 259 19.38 11.35 27.88
CA LEU A 259 19.02 12.75 27.58
C LEU A 259 18.40 13.40 28.82
N PRO A 260 18.48 14.74 28.94
CA PRO A 260 17.89 15.44 30.08
C PRO A 260 16.37 15.19 30.21
N GLU A 261 15.90 15.17 31.45
CA GLU A 261 14.47 15.11 31.82
C GLU A 261 13.98 16.53 32.05
N PRO A 262 12.81 16.91 31.50
CA PRO A 262 12.20 18.20 31.80
C PRO A 262 11.94 18.25 33.32
N SER A 263 11.71 19.44 33.87
N SER A 263 11.70 19.45 33.85
CA SER A 263 11.55 19.66 35.33
CA SER A 263 11.55 19.70 35.30
C SER A 263 10.15 19.23 35.78
C SER A 263 10.16 19.22 35.77
N CYS A 264 9.19 19.14 34.85
CA CYS A 264 7.85 18.56 35.12
C CYS A 264 7.97 17.04 35.20
N PRO A 265 7.90 16.42 36.40
CA PRO A 265 8.23 15.00 36.55
C PRO A 265 7.30 14.04 35.81
N GLN A 266 6.00 14.36 35.72
CA GLN A 266 4.97 13.55 35.00
C GLN A 266 5.40 13.43 33.53
N LEU A 267 5.94 14.53 32.97
CA LEU A 267 6.36 14.63 31.55
C LEU A 267 7.72 13.97 31.39
N ALA A 268 8.58 14.06 32.40
CA ALA A 268 9.89 13.38 32.48
C ALA A 268 9.69 11.86 32.35
N THR A 269 8.75 11.29 33.09
CA THR A 269 8.52 9.82 33.08
C THR A 269 8.24 9.40 31.64
N LEU A 270 7.43 10.18 30.95
CA LEU A 270 7.03 9.90 29.55
C LEU A 270 8.23 10.09 28.61
N THR A 271 8.92 11.21 28.67
CA THR A 271 10.05 11.48 27.74
C THR A 271 11.12 10.39 27.94
N SER A 272 11.38 10.00 29.18
CA SER A 272 12.39 8.95 29.56
C SER A 272 11.99 7.60 28.97
N GLN A 273 10.70 7.24 29.03
CA GLN A 273 10.24 5.92 28.54
C GLN A 273 10.38 5.88 27.00
N CYS A 274 10.09 7.00 26.34
CA CYS A 274 10.22 7.15 24.86
C CYS A 274 11.70 7.06 24.47
N LEU A 275 12.54 7.73 25.26
CA LEU A 275 14.01 7.84 25.00
C LEU A 275 14.72 6.70 25.75
N THR A 276 14.22 5.49 25.56
CA THR A 276 14.83 4.23 26.04
C THR A 276 15.63 3.61 24.89
N TYR A 277 16.89 3.25 25.11
CA TYR A 277 17.78 2.76 24.04
C TYR A 277 17.20 1.49 23.43
N GLU A 278 16.70 0.58 24.25
CA GLU A 278 16.11 -0.69 23.78
C GLU A 278 14.75 -0.36 23.14
N PRO A 279 14.60 -0.52 21.81
CA PRO A 279 13.36 -0.09 21.14
C PRO A 279 12.09 -0.79 21.64
N THR A 280 12.18 -2.08 21.98
CA THR A 280 11.02 -2.89 22.45
C THR A 280 10.52 -2.42 23.82
N GLN A 281 11.28 -1.58 24.55
CA GLN A 281 10.86 -1.10 25.89
C GLN A 281 10.15 0.27 25.80
N ARG A 282 10.06 0.88 24.62
CA ARG A 282 9.37 2.19 24.45
C ARG A 282 7.87 1.93 24.50
N PRO A 283 7.07 2.83 25.11
CA PRO A 283 5.64 2.56 25.27
C PRO A 283 4.89 2.72 23.94
N SER A 284 3.75 2.04 23.82
CA SER A 284 2.80 2.22 22.70
C SER A 284 2.29 3.67 22.70
N PHE A 285 1.78 4.13 21.56
CA PHE A 285 1.09 5.45 21.45
C PHE A 285 -0.25 5.41 22.19
N ARG A 286 -0.78 4.22 22.46
CA ARG A 286 -1.96 4.07 23.36
C ARG A 286 -1.57 4.57 24.76
N THR A 287 -0.46 4.06 25.30
CA THR A 287 0.07 4.47 26.62
C THR A 287 0.41 5.97 26.56
N ILE A 288 1.17 6.37 25.55
CA ILE A 288 1.59 7.80 25.40
C ILE A 288 0.35 8.71 25.43
N LEU A 289 -0.69 8.40 24.65
CA LEU A 289 -1.88 9.29 24.55
C LEU A 289 -2.62 9.30 25.88
N ARG A 290 -2.77 8.13 26.49
CA ARG A 290 -3.38 7.96 27.82
C ARG A 290 -2.66 8.90 28.79
N ASP A 291 -1.33 8.83 28.83
CA ASP A 291 -0.51 9.60 29.81
C ASP A 291 -0.67 11.10 29.52
N LEU A 292 -0.66 11.52 28.25
CA LEU A 292 -0.77 12.97 27.88
C LEU A 292 -2.16 13.51 28.27
N THR A 293 -3.22 12.71 28.20
CA THR A 293 -4.62 13.17 28.38
C THR A 293 -5.04 13.13 29.85
N ARG A 294 -4.14 13.47 30.79
CA ARG A 294 -4.48 13.70 32.23
C ARG A 294 -3.25 14.22 32.99
N GLN B 4 -40.27 2.27 21.54
CA GLN B 4 -39.14 2.74 22.38
C GLN B 4 -37.85 2.65 21.56
N LEU B 5 -36.80 3.29 22.07
CA LEU B 5 -35.47 3.40 21.44
C LEU B 5 -34.55 2.34 22.05
N SER B 6 -33.50 1.94 21.34
CA SER B 6 -32.54 0.94 21.83
C SER B 6 -31.16 1.29 21.30
N PHE B 7 -30.25 1.52 22.23
CA PHE B 7 -28.83 1.84 21.95
C PHE B 7 -28.11 1.73 23.28
N HIS B 8 -26.79 1.57 23.20
N HIS B 8 -26.80 1.53 23.21
CA HIS B 8 -25.87 1.33 24.34
CA HIS B 8 -25.91 1.34 24.39
C HIS B 8 -25.58 2.66 25.03
C HIS B 8 -25.65 2.70 25.02
N ARG B 9 -25.75 2.74 26.34
CA ARG B 9 -25.33 3.90 27.15
C ARG B 9 -23.83 3.72 27.40
N VAL B 10 -23.07 4.74 27.05
CA VAL B 10 -21.61 4.79 27.27
C VAL B 10 -21.37 5.76 28.42
N ASP B 11 -20.62 5.30 29.42
CA ASP B 11 -20.21 6.13 30.58
C ASP B 11 -19.14 7.10 30.06
N GLN B 12 -19.22 8.35 30.52
N GLN B 12 -19.22 8.36 30.50
CA GLN B 12 -18.23 9.41 30.14
CA GLN B 12 -18.23 9.41 30.14
C GLN B 12 -16.81 8.97 30.53
C GLN B 12 -16.81 8.94 30.51
N LYS B 13 -16.66 8.10 31.53
CA LYS B 13 -15.32 7.64 31.97
C LYS B 13 -14.67 6.76 30.88
N GLU B 14 -15.47 6.25 29.93
N GLU B 14 -15.44 6.22 29.93
CA GLU B 14 -15.05 5.28 28.87
CA GLU B 14 -14.89 5.29 28.90
C GLU B 14 -14.63 6.02 27.59
C GLU B 14 -14.36 6.09 27.70
N ILE B 15 -14.77 7.35 27.53
CA ILE B 15 -14.37 8.10 26.30
C ILE B 15 -13.29 9.14 26.59
N THR B 16 -12.45 9.37 25.61
CA THR B 16 -11.44 10.45 25.56
C THR B 16 -11.67 11.26 24.30
N GLN B 17 -11.71 12.59 24.43
CA GLN B 17 -11.92 13.50 23.28
C GLN B 17 -10.56 14.01 22.83
N LEU B 18 -10.25 13.86 21.54
CA LEU B 18 -8.98 14.35 20.93
C LEU B 18 -9.35 15.47 19.96
N SER B 19 -8.75 15.54 18.77
CA SER B 19 -8.86 16.75 17.90
C SER B 19 -10.25 16.92 17.27
N HIS B 20 -10.64 18.19 17.12
CA HIS B 20 -11.86 18.62 16.39
C HIS B 20 -11.68 18.27 14.91
N LEU B 21 -12.66 17.62 14.32
CA LEU B 21 -12.65 17.18 12.90
C LEU B 21 -13.60 18.03 12.06
N GLY B 22 -14.62 18.62 12.67
CA GLY B 22 -15.55 19.49 11.93
C GLY B 22 -16.92 19.53 12.58
N GLN B 23 -17.88 20.10 11.87
CA GLN B 23 -19.25 20.30 12.39
C GLN B 23 -20.22 19.49 11.53
N GLY B 24 -21.27 19.01 12.17
CA GLY B 24 -22.53 18.59 11.53
C GLY B 24 -23.65 19.51 12.01
N THR B 25 -24.88 19.16 11.65
CA THR B 25 -26.08 19.92 12.04
C THR B 25 -26.23 19.80 13.56
N ARG B 26 -25.98 20.91 14.27
CA ARG B 26 -26.09 21.07 15.75
C ARG B 26 -25.00 20.24 16.46
N THR B 27 -23.96 19.82 15.75
CA THR B 27 -22.95 18.91 16.33
C THR B 27 -21.52 19.39 16.02
N ASN B 28 -20.61 18.97 16.91
CA ASN B 28 -19.15 19.06 16.74
C ASN B 28 -18.62 17.63 16.76
N VAL B 29 -17.75 17.31 15.81
CA VAL B 29 -17.19 15.94 15.62
C VAL B 29 -15.73 16.00 16.02
N TYR B 30 -15.30 15.04 16.84
CA TYR B 30 -13.92 14.94 17.37
C TYR B 30 -13.41 13.52 17.13
N GLU B 31 -12.13 13.38 16.89
CA GLU B 31 -11.49 12.05 17.04
C GLU B 31 -11.59 11.74 18.52
N GLY B 32 -11.79 10.48 18.88
CA GLY B 32 -11.78 10.07 20.29
C GLY B 32 -11.20 8.67 20.49
N ARG B 33 -11.23 8.23 21.73
CA ARG B 33 -10.98 6.83 22.12
C ARG B 33 -12.16 6.33 22.95
N LEU B 34 -12.56 5.09 22.70
CA LEU B 34 -13.56 4.35 23.52
C LEU B 34 -12.86 3.19 24.19
N ARG B 35 -12.87 3.17 25.53
CA ARG B 35 -12.33 2.04 26.33
C ARG B 35 -13.38 0.93 26.30
N VAL B 36 -12.96 -0.29 25.98
CA VAL B 36 -13.84 -1.49 25.79
C VAL B 36 -13.21 -2.67 26.54
N GLY B 60 -7.80 -5.00 28.04
CA GLY B 60 -8.70 -3.97 27.47
C GLY B 60 -8.12 -3.34 26.21
N GLN B 61 -8.92 -2.52 25.53
CA GLN B 61 -8.51 -1.78 24.30
C GLN B 61 -8.95 -0.31 24.42
N GLU B 62 -8.29 0.54 23.64
CA GLU B 62 -8.61 1.99 23.46
C GLU B 62 -8.94 2.10 21.98
N LEU B 63 -10.21 1.94 21.59
CA LEU B 63 -10.63 1.92 20.17
C LEU B 63 -10.71 3.36 19.63
N ARG B 64 -10.15 3.62 18.45
CA ARG B 64 -10.33 4.91 17.73
C ARG B 64 -11.80 5.02 17.31
N VAL B 65 -12.44 6.15 17.64
CA VAL B 65 -13.87 6.42 17.32
C VAL B 65 -13.99 7.90 16.93
N VAL B 66 -15.17 8.30 16.49
CA VAL B 66 -15.51 9.75 16.45
C VAL B 66 -16.59 10.01 17.50
N LEU B 67 -16.53 11.21 18.07
CA LEU B 67 -17.49 11.68 19.09
C LEU B 67 -18.29 12.80 18.43
N LYS B 68 -19.60 12.63 18.32
CA LYS B 68 -20.49 13.65 17.74
C LYS B 68 -21.21 14.30 18.91
N VAL B 69 -20.74 15.50 19.27
CA VAL B 69 -21.19 16.21 20.49
C VAL B 69 -22.32 17.16 20.08
N LEU B 70 -23.52 16.84 20.53
CA LEU B 70 -24.74 17.66 20.30
C LEU B 70 -24.64 18.92 21.15
N ASP B 71 -24.82 20.09 20.55
CA ASP B 71 -25.00 21.34 21.30
C ASP B 71 -26.09 21.16 22.36
N PRO B 72 -26.08 21.96 23.46
CA PRO B 72 -27.25 22.04 24.34
C PRO B 72 -28.46 22.47 23.47
N SER B 73 -29.54 21.71 23.55
CA SER B 73 -30.62 21.69 22.53
C SER B 73 -31.98 21.57 23.20
N HIS B 74 -33.03 22.00 22.50
CA HIS B 74 -34.46 21.70 22.80
C HIS B 74 -34.68 20.18 22.84
N HIS B 75 -35.63 19.74 23.66
CA HIS B 75 -36.05 18.33 23.83
C HIS B 75 -36.16 17.64 22.46
N ASP B 76 -36.82 18.26 21.49
CA ASP B 76 -37.17 17.60 20.19
C ASP B 76 -35.87 17.30 19.43
N ILE B 77 -34.86 18.15 19.57
CA ILE B 77 -33.55 17.96 18.89
C ILE B 77 -32.82 16.81 19.57
N ALA B 78 -32.82 16.77 20.91
CA ALA B 78 -32.15 15.66 21.64
C ALA B 78 -32.87 14.35 21.31
N LEU B 79 -34.20 14.36 21.23
CA LEU B 79 -34.96 13.10 20.91
C LEU B 79 -34.56 12.62 19.51
N ALA B 80 -34.55 13.51 18.51
CA ALA B 80 -34.23 13.16 17.11
C ALA B 80 -32.82 12.55 17.07
N PHE B 81 -31.90 13.10 17.88
CA PHE B 81 -30.51 12.59 18.02
C PHE B 81 -30.53 11.15 18.56
N TYR B 82 -31.27 10.89 19.64
CA TYR B 82 -31.44 9.52 20.19
C TYR B 82 -32.12 8.59 19.17
N GLU B 83 -33.11 9.09 18.41
CA GLU B 83 -33.81 8.26 17.38
C GLU B 83 -32.79 7.79 16.34
N THR B 84 -31.87 8.67 15.93
CA THR B 84 -30.82 8.32 14.97
C THR B 84 -29.90 7.26 15.58
N ALA B 85 -29.46 7.45 16.83
CA ALA B 85 -28.61 6.44 17.50
C ALA B 85 -29.35 5.09 17.53
N SER B 86 -30.63 5.10 17.84
CA SER B 86 -31.49 3.89 17.93
C SER B 86 -31.54 3.18 16.57
N LEU B 87 -31.80 3.94 15.49
CA LEU B 87 -31.87 3.42 14.09
C LEU B 87 -30.56 2.70 13.76
N MET B 88 -29.43 3.40 13.93
CA MET B 88 -28.10 2.91 13.50
C MET B 88 -27.63 1.75 14.39
N SER B 89 -28.10 1.68 15.63
CA SER B 89 -27.69 0.64 16.60
C SER B 89 -28.31 -0.70 16.24
N GLN B 90 -29.40 -0.69 15.48
CA GLN B 90 -30.22 -1.88 15.23
C GLN B 90 -30.11 -2.35 13.78
N VAL B 91 -29.34 -1.65 12.95
CA VAL B 91 -29.03 -2.07 11.55
C VAL B 91 -27.55 -2.50 11.49
N SER B 92 -27.26 -3.39 10.54
CA SER B 92 -25.87 -3.77 10.13
C SER B 92 -25.80 -3.85 8.61
N HIS B 93 -24.76 -3.26 8.06
CA HIS B 93 -24.40 -3.49 6.65
C HIS B 93 -22.95 -3.05 6.52
N THR B 94 -22.22 -3.69 5.63
CA THR B 94 -20.77 -3.45 5.52
C THR B 94 -20.55 -2.01 5.01
N HIS B 95 -21.55 -1.41 4.38
CA HIS B 95 -21.43 -0.01 3.87
C HIS B 95 -22.21 0.97 4.75
N LEU B 96 -22.54 0.61 5.99
CA LEU B 96 -23.07 1.56 6.99
C LEU B 96 -22.07 1.68 8.16
N ALA B 97 -21.74 2.90 8.57
CA ALA B 97 -20.87 3.15 9.74
C ALA B 97 -21.52 2.56 11.00
N PHE B 98 -20.69 2.02 11.88
CA PHE B 98 -21.11 1.45 13.20
C PHE B 98 -21.36 2.59 14.20
N VAL B 99 -22.41 2.44 15.02
CA VAL B 99 -22.69 3.33 16.17
C VAL B 99 -22.45 2.51 17.44
N HIS B 100 -21.47 2.93 18.27
CA HIS B 100 -21.09 2.31 19.57
C HIS B 100 -22.10 2.66 20.67
N GLY B 101 -22.71 3.83 20.62
CA GLY B 101 -23.67 4.18 21.67
C GLY B 101 -23.77 5.67 21.85
N VAL B 102 -24.40 6.06 22.95
CA VAL B 102 -24.60 7.48 23.30
C VAL B 102 -24.07 7.67 24.72
N CYS B 103 -23.34 8.76 24.90
CA CYS B 103 -22.77 9.17 26.21
C CYS B 103 -23.38 10.52 26.61
N VAL B 104 -23.93 10.58 27.82
CA VAL B 104 -24.35 11.86 28.45
C VAL B 104 -23.19 12.37 29.33
N ARG B 105 -22.53 13.44 28.87
CA ARG B 105 -21.42 14.14 29.56
C ARG B 105 -21.96 15.54 29.91
N GLY B 106 -22.55 15.70 31.11
CA GLY B 106 -23.23 16.94 31.53
C GLY B 106 -24.38 17.28 30.58
N PRO B 107 -24.52 18.54 30.08
CA PRO B 107 -25.60 18.88 29.15
C PRO B 107 -25.33 18.40 27.72
N GLU B 108 -24.19 17.73 27.49
CA GLU B 108 -23.74 17.25 26.16
C GLU B 108 -24.17 15.79 25.96
N ASN B 109 -24.97 15.56 24.94
CA ASN B 109 -25.26 14.20 24.43
C ASN B 109 -24.22 13.88 23.35
N ILE B 110 -23.53 12.75 23.47
CA ILE B 110 -22.42 12.39 22.53
C ILE B 110 -22.75 11.07 21.87
N MET B 111 -22.87 11.08 20.54
CA MET B 111 -22.97 9.83 19.76
C MET B 111 -21.54 9.33 19.51
N VAL B 112 -21.26 8.08 19.88
CA VAL B 112 -19.93 7.46 19.70
C VAL B 112 -20.04 6.57 18.47
N THR B 113 -19.39 6.94 17.36
CA THR B 113 -19.54 6.25 16.05
C THR B 113 -18.20 5.90 15.41
N GLU B 114 -18.24 5.15 14.32
CA GLU B 114 -17.07 4.58 13.65
C GLU B 114 -16.19 5.70 13.10
N TYR B 115 -14.90 5.62 13.42
CA TYR B 115 -13.88 6.45 12.75
C TYR B 115 -13.56 5.80 11.40
N VAL B 116 -13.67 6.57 10.33
CA VAL B 116 -13.43 6.00 8.96
C VAL B 116 -12.23 6.73 8.37
N GLU B 117 -11.18 5.96 8.09
CA GLU B 117 -9.80 6.46 7.90
C GLU B 117 -9.73 7.76 7.08
N HIS B 118 -10.30 7.82 5.88
CA HIS B 118 -9.95 8.88 4.90
C HIS B 118 -10.99 9.99 4.92
N GLY B 119 -11.99 9.91 5.78
CA GLY B 119 -12.93 10.99 6.03
C GLY B 119 -14.00 11.11 4.94
N PRO B 120 -14.69 12.27 4.97
CA PRO B 120 -15.83 12.53 4.09
C PRO B 120 -15.43 12.58 2.61
N LEU B 121 -16.27 11.96 1.78
CA LEU B 121 -16.03 11.83 0.33
C LEU B 121 -16.06 13.19 -0.36
N ASP B 122 -16.97 14.09 0.00
CA ASP B 122 -17.11 15.37 -0.75
C ASP B 122 -15.78 16.13 -0.67
N VAL B 123 -15.21 16.25 0.53
CA VAL B 123 -13.90 16.92 0.81
C VAL B 123 -12.83 16.25 -0.02
N TRP B 124 -12.82 14.91 0.05
CA TRP B 124 -11.77 14.06 -0.59
C TRP B 124 -11.81 14.26 -2.10
N LEU B 125 -13.00 14.22 -2.71
CA LEU B 125 -13.14 14.42 -4.17
C LEU B 125 -12.62 15.80 -4.56
N ARG B 126 -12.88 16.82 -3.76
CA ARG B 126 -12.50 18.21 -4.14
C ARG B 126 -10.97 18.27 -4.15
N ARG B 127 -10.34 17.68 -3.15
CA ARG B 127 -8.87 17.58 -2.99
C ARG B 127 -8.27 16.76 -4.14
N GLU B 128 -8.97 15.73 -4.61
CA GLU B 128 -8.46 14.78 -5.65
C GLU B 128 -8.98 15.13 -7.06
N ARG B 129 -9.60 16.30 -7.26
CA ARG B 129 -10.26 16.65 -8.55
C ARG B 129 -9.28 16.43 -9.70
N GLY B 130 -9.76 15.73 -10.75
CA GLY B 130 -9.07 15.53 -12.03
C GLY B 130 -8.31 14.21 -12.11
N HIS B 131 -8.24 13.42 -11.05
CA HIS B 131 -7.59 12.10 -11.16
C HIS B 131 -8.37 11.03 -10.40
N VAL B 132 -9.69 11.14 -10.39
CA VAL B 132 -10.60 10.08 -9.87
C VAL B 132 -11.34 9.48 -11.07
N PRO B 133 -11.01 8.26 -11.52
CA PRO B 133 -11.61 7.70 -12.73
C PRO B 133 -13.10 7.38 -12.57
N MET B 134 -13.80 7.26 -13.69
CA MET B 134 -15.25 6.91 -13.69
C MET B 134 -15.44 5.54 -13.04
N ALA B 135 -14.53 4.58 -13.26
CA ALA B 135 -14.68 3.19 -12.76
C ALA B 135 -14.73 3.20 -11.23
N TRP B 136 -13.90 4.03 -10.61
CA TRP B 136 -13.84 4.23 -9.13
C TRP B 136 -15.20 4.77 -8.64
N LYS B 137 -15.69 5.81 -9.30
CA LYS B 137 -17.00 6.43 -9.00
C LYS B 137 -18.09 5.36 -9.11
N MET B 138 -18.00 4.45 -10.08
CA MET B 138 -19.05 3.40 -10.29
C MET B 138 -19.10 2.46 -9.09
N VAL B 139 -17.94 2.05 -8.60
CA VAL B 139 -17.80 1.17 -7.40
C VAL B 139 -18.43 1.87 -6.20
N VAL B 140 -18.09 3.15 -6.00
CA VAL B 140 -18.67 3.90 -4.84
C VAL B 140 -20.20 3.96 -4.99
N ALA B 141 -20.71 4.23 -6.19
CA ALA B 141 -22.18 4.28 -6.44
C ALA B 141 -22.83 2.93 -6.11
N GLN B 142 -22.20 1.84 -6.55
CA GLN B 142 -22.68 0.46 -6.26
C GLN B 142 -22.72 0.22 -4.75
N GLN B 143 -21.66 0.57 -4.01
CA GLN B 143 -21.60 0.31 -2.55
C GLN B 143 -22.68 1.12 -1.84
N LEU B 144 -22.87 2.37 -2.27
CA LEU B 144 -23.89 3.24 -1.65
C LEU B 144 -25.28 2.67 -1.97
N ALA B 145 -25.54 2.26 -3.20
CA ALA B 145 -26.84 1.64 -3.56
C ALA B 145 -27.08 0.35 -2.74
N SER B 146 -26.03 -0.42 -2.42
N SER B 146 -26.01 -0.44 -2.48
CA SER B 146 -26.18 -1.70 -1.68
CA SER B 146 -26.07 -1.67 -1.66
C SER B 146 -26.50 -1.44 -0.20
C SER B 146 -26.62 -1.31 -0.28
N ALA B 147 -25.99 -0.33 0.38
CA ALA B 147 -26.39 0.13 1.73
C ALA B 147 -27.86 0.58 1.65
N LEU B 148 -28.23 1.32 0.61
CA LEU B 148 -29.60 1.88 0.54
C LEU B 148 -30.60 0.81 0.13
N SER B 149 -30.18 -0.23 -0.63
CA SER B 149 -31.02 -1.41 -0.94
C SER B 149 -31.41 -2.08 0.38
N TYR B 150 -30.46 -2.24 1.29
CA TYR B 150 -30.64 -2.89 2.60
C TYR B 150 -31.65 -2.08 3.43
N LEU B 151 -31.46 -0.76 3.54
CA LEU B 151 -32.42 0.10 4.29
C LEU B 151 -33.82 0.05 3.64
N GLU B 152 -33.93 0.14 2.31
CA GLU B 152 -35.25 0.05 1.62
C GLU B 152 -35.94 -1.27 2.00
N ASN B 153 -35.19 -2.37 1.99
CA ASN B 153 -35.72 -3.71 2.36
C ASN B 153 -36.24 -3.71 3.80
N LYS B 154 -35.60 -2.99 4.72
CA LYS B 154 -36.04 -2.86 6.14
C LYS B 154 -37.12 -1.77 6.26
N ASN B 155 -37.45 -1.08 5.18
CA ASN B 155 -38.38 0.08 5.19
C ASN B 155 -37.88 1.13 6.20
N LEU B 156 -36.59 1.38 6.21
CA LEU B 156 -35.98 2.41 7.08
C LEU B 156 -35.45 3.57 6.22
N VAL B 157 -35.73 4.80 6.66
CA VAL B 157 -35.24 6.04 6.01
C VAL B 157 -33.93 6.45 6.66
N HIS B 158 -32.94 6.80 5.84
CA HIS B 158 -31.69 7.44 6.30
C HIS B 158 -31.95 8.93 6.44
N GLY B 159 -32.30 9.58 5.34
CA GLY B 159 -32.79 10.97 5.33
C GLY B 159 -31.71 11.99 5.16
N ASN B 160 -30.45 11.59 5.03
CA ASN B 160 -29.35 12.58 4.88
C ASN B 160 -28.27 11.99 3.98
N VAL B 161 -28.68 11.47 2.83
CA VAL B 161 -27.72 10.90 1.83
C VAL B 161 -27.05 12.06 1.09
N CYS B 162 -25.72 12.18 1.25
CA CYS B 162 -24.90 13.24 0.63
C CYS B 162 -23.45 12.79 0.70
N GLY B 163 -22.60 13.39 -0.14
CA GLY B 163 -21.15 13.17 -0.17
C GLY B 163 -20.52 13.34 1.20
N ARG B 164 -20.98 14.32 2.01
CA ARG B 164 -20.38 14.57 3.35
C ARG B 164 -20.54 13.33 4.24
N ASN B 165 -21.65 12.63 4.10
CA ASN B 165 -22.00 11.48 4.97
C ASN B 165 -21.43 10.18 4.39
N ILE B 166 -20.80 10.22 3.24
CA ILE B 166 -20.10 9.03 2.70
C ILE B 166 -18.64 9.07 3.15
N LEU B 167 -18.22 8.07 3.92
CA LEU B 167 -16.88 8.09 4.55
C LEU B 167 -16.03 7.05 3.84
N LEU B 168 -14.80 7.42 3.52
CA LEU B 168 -13.93 6.58 2.69
C LEU B 168 -13.01 5.79 3.63
N ALA B 169 -13.25 4.48 3.71
CA ALA B 169 -12.44 3.54 4.53
C ALA B 169 -11.19 3.10 3.77
N ARG B 170 -11.26 2.94 2.44
CA ARG B 170 -10.10 2.46 1.63
C ARG B 170 -10.06 3.28 0.34
N LEU B 171 -8.87 3.80 0.01
CA LEU B 171 -8.65 4.82 -1.05
C LEU B 171 -9.03 4.25 -2.42
N GLY B 172 -8.55 3.06 -2.77
CA GLY B 172 -8.88 2.42 -4.05
C GLY B 172 -8.20 3.07 -5.25
N LEU B 173 -7.16 3.90 -5.07
CA LEU B 173 -6.52 4.60 -6.23
C LEU B 173 -5.30 3.79 -6.72
N ALA B 174 -4.57 3.09 -5.86
CA ALA B 174 -3.41 2.27 -6.27
C ALA B 174 -3.87 1.14 -7.20
N GLU B 175 -3.09 0.80 -8.24
CA GLU B 175 -3.46 -0.26 -9.21
C GLU B 175 -3.77 -1.55 -8.42
N GLY B 176 -4.80 -2.30 -8.84
CA GLY B 176 -5.23 -3.53 -8.15
C GLY B 176 -6.24 -3.28 -7.03
N THR B 177 -6.28 -2.09 -6.40
CA THR B 177 -7.17 -1.83 -5.23
C THR B 177 -8.53 -1.29 -5.69
N SER B 178 -9.51 -1.30 -4.79
N SER B 178 -9.49 -1.27 -4.77
CA SER B 178 -10.87 -0.73 -4.98
CA SER B 178 -10.87 -0.75 -4.96
C SER B 178 -11.25 0.08 -3.76
C SER B 178 -11.25 0.09 -3.75
N PRO B 179 -12.05 1.16 -3.92
CA PRO B 179 -12.46 1.97 -2.79
C PRO B 179 -13.45 1.19 -1.91
N PHE B 180 -13.65 1.67 -0.69
CA PHE B 180 -14.59 1.06 0.27
C PHE B 180 -15.18 2.20 1.12
N ILE B 181 -16.49 2.32 1.12
CA ILE B 181 -17.21 3.46 1.76
C ILE B 181 -18.04 2.95 2.95
N LYS B 182 -18.29 3.85 3.90
CA LYS B 182 -19.29 3.66 4.99
C LYS B 182 -20.21 4.87 4.94
N LEU B 183 -21.53 4.67 4.87
CA LEU B 183 -22.48 5.79 5.01
C LEU B 183 -22.62 6.10 6.50
N SER B 184 -22.27 7.33 6.89
CA SER B 184 -22.44 7.90 8.25
C SER B 184 -23.90 7.79 8.71
N ASP B 185 -24.06 7.79 10.02
CA ASP B 185 -25.37 8.03 10.66
C ASP B 185 -25.85 9.38 10.10
N PRO B 186 -27.15 9.60 9.96
CA PRO B 186 -27.65 10.87 9.41
C PRO B 186 -27.65 12.05 10.39
N GLY B 187 -27.20 11.87 11.63
CA GLY B 187 -27.24 12.94 12.65
C GLY B 187 -28.68 13.25 13.04
N VAL B 188 -28.95 14.47 13.47
CA VAL B 188 -30.31 14.87 13.92
C VAL B 188 -31.25 14.61 12.75
N GLY B 189 -32.33 13.86 13.00
CA GLY B 189 -33.39 13.59 12.01
C GLY B 189 -33.93 14.85 11.36
N LEU B 190 -34.10 14.78 10.05
CA LEU B 190 -34.57 15.88 9.19
C LEU B 190 -35.88 16.47 9.75
N GLY B 191 -36.75 15.64 10.35
CA GLY B 191 -38.02 16.07 10.96
C GLY B 191 -37.88 17.14 12.04
N ALA B 192 -36.75 17.17 12.77
CA ALA B 192 -36.56 18.09 13.90
C ALA B 192 -35.96 19.42 13.42
N LEU B 193 -35.49 19.50 12.18
CA LEU B 193 -34.67 20.65 11.69
C LEU B 193 -35.59 21.81 11.29
N SER B 194 -35.05 23.03 11.30
CA SER B 194 -35.75 24.25 10.81
C SER B 194 -35.90 24.18 9.29
N ARG B 195 -36.84 24.96 8.77
CA ARG B 195 -37.01 25.15 7.31
C ARG B 195 -35.68 25.67 6.73
N GLU B 196 -35.02 26.65 7.36
CA GLU B 196 -33.77 27.22 6.80
C GLU B 196 -32.73 26.11 6.63
N GLU B 197 -32.67 25.21 7.60
CA GLU B 197 -31.71 24.07 7.56
C GLU B 197 -32.09 23.12 6.42
N ARG B 198 -33.37 22.83 6.22
CA ARG B 198 -33.79 21.92 5.13
C ARG B 198 -33.44 22.58 3.79
N VAL B 199 -33.66 23.88 3.65
CA VAL B 199 -33.37 24.59 2.38
C VAL B 199 -31.86 24.50 2.09
N GLU B 200 -31.01 24.68 3.10
CA GLU B 200 -29.52 24.60 2.97
C GLU B 200 -29.12 23.23 2.41
N ARG B 201 -29.93 22.21 2.63
CA ARG B 201 -29.63 20.84 2.18
C ARG B 201 -30.06 20.60 0.73
N ILE B 202 -30.67 21.59 0.08
CA ILE B 202 -30.96 21.47 -1.38
C ILE B 202 -29.61 21.44 -2.11
N PRO B 203 -29.38 20.58 -3.14
CA PRO B 203 -30.35 19.64 -3.70
C PRO B 203 -30.34 18.17 -3.24
N TRP B 204 -29.68 17.85 -2.14
CA TRP B 204 -29.76 16.51 -1.51
C TRP B 204 -31.17 16.29 -0.93
N LEU B 205 -31.76 17.31 -0.34
CA LEU B 205 -33.15 17.29 0.20
C LEU B 205 -34.15 16.98 -0.92
N ALA B 206 -35.00 15.97 -0.72
CA ALA B 206 -36.11 15.64 -1.63
C ALA B 206 -37.09 16.80 -1.56
N PRO B 207 -37.64 17.24 -2.71
CA PRO B 207 -38.54 18.40 -2.74
C PRO B 207 -39.77 18.27 -1.84
N GLU B 208 -40.27 17.05 -1.60
CA GLU B 208 -41.46 16.84 -0.75
C GLU B 208 -41.08 17.03 0.73
N CYS B 209 -39.81 17.14 1.07
CA CYS B 209 -39.35 17.35 2.47
C CYS B 209 -39.16 18.84 2.76
N LEU B 210 -39.31 19.71 1.75
CA LEU B 210 -39.18 21.17 1.97
C LEU B 210 -40.31 21.67 2.87
N PRO B 211 -41.62 21.41 2.59
CA PRO B 211 -42.72 21.95 3.40
C PRO B 211 -42.92 21.36 4.81
N SER B 216 -44.18 12.78 3.39
CA SER B 216 -42.77 13.09 3.01
C SER B 216 -41.78 12.07 3.61
N LEU B 217 -42.07 11.50 4.79
N LEU B 217 -42.05 11.62 4.83
CA LEU B 217 -41.10 10.66 5.56
CA LEU B 217 -41.25 10.59 5.54
C LEU B 217 -41.07 9.21 5.00
C LEU B 217 -41.44 9.24 4.83
N SER B 218 -40.77 9.06 3.70
CA SER B 218 -40.76 7.79 2.93
C SER B 218 -39.32 7.43 2.58
N THR B 219 -39.04 6.16 2.27
CA THR B 219 -37.72 5.74 1.75
C THR B 219 -37.48 6.46 0.42
N ALA B 220 -38.55 6.90 -0.26
CA ALA B 220 -38.50 7.68 -1.53
C ALA B 220 -37.51 8.85 -1.46
N MET B 221 -37.39 9.53 -0.33
CA MET B 221 -36.48 10.70 -0.19
C MET B 221 -35.02 10.27 -0.34
N ASP B 222 -34.66 9.04 0.04
CA ASP B 222 -33.26 8.57 -0.09
C ASP B 222 -32.97 8.28 -1.57
N LYS B 223 -33.99 7.97 -2.37
CA LYS B 223 -33.78 7.80 -3.83
C LYS B 223 -33.34 9.14 -4.45
N TRP B 224 -33.95 10.24 -4.03
CA TRP B 224 -33.58 11.59 -4.49
C TRP B 224 -32.18 11.93 -3.95
N GLY B 225 -31.96 11.75 -2.65
CA GLY B 225 -30.65 12.00 -2.03
C GLY B 225 -29.54 11.23 -2.74
N PHE B 226 -29.80 9.96 -3.06
CA PHE B 226 -28.86 9.12 -3.83
C PHE B 226 -28.55 9.77 -5.17
N GLY B 227 -29.58 10.16 -5.92
CA GLY B 227 -29.39 10.82 -7.23
C GLY B 227 -28.57 12.09 -7.13
N ALA B 228 -28.80 12.92 -6.11
CA ALA B 228 -28.05 14.19 -5.90
C ALA B 228 -26.58 13.86 -5.59
N THR B 229 -26.38 12.82 -4.81
CA THR B 229 -25.04 12.36 -4.38
C THR B 229 -24.29 11.84 -5.60
N LEU B 230 -24.93 11.13 -6.53
CA LEU B 230 -24.29 10.70 -7.79
C LEU B 230 -23.80 11.93 -8.57
N LEU B 231 -24.59 12.99 -8.64
CA LEU B 231 -24.15 14.21 -9.37
C LEU B 231 -22.94 14.78 -8.63
N GLU B 232 -23.01 14.86 -7.31
CA GLU B 232 -21.91 15.39 -6.46
C GLU B 232 -20.63 14.57 -6.74
N ILE B 233 -20.75 13.25 -6.82
CA ILE B 233 -19.60 12.35 -7.07
C ILE B 233 -19.07 12.59 -8.49
N CYS B 234 -19.95 12.62 -9.48
CA CYS B 234 -19.53 12.81 -10.89
C CYS B 234 -18.76 14.12 -11.02
N PHE B 235 -19.19 15.17 -10.32
CA PHE B 235 -18.62 16.54 -10.45
C PHE B 235 -17.53 16.77 -9.39
N ASP B 236 -16.85 15.70 -8.95
CA ASP B 236 -15.69 15.72 -8.02
C ASP B 236 -15.97 16.61 -6.81
N GLY B 237 -17.14 16.43 -6.19
CA GLY B 237 -17.49 17.06 -4.92
C GLY B 237 -18.17 18.42 -5.08
N GLU B 238 -18.45 18.86 -6.30
CA GLU B 238 -19.18 20.13 -6.58
C GLU B 238 -20.64 19.79 -6.91
N ALA B 239 -21.53 19.82 -5.91
CA ALA B 239 -22.97 19.60 -6.09
C ALA B 239 -23.58 20.81 -6.81
N PRO B 240 -24.56 20.62 -7.71
CA PRO B 240 -25.25 21.76 -8.31
C PRO B 240 -25.89 22.63 -7.22
N LEU B 241 -25.92 23.95 -7.46
CA LEU B 241 -26.66 24.97 -6.65
C LEU B 241 -25.91 25.40 -5.38
N GLN B 242 -24.70 24.89 -5.11
N GLN B 242 -24.73 24.83 -5.11
CA GLN B 242 -23.96 25.18 -3.84
CA GLN B 242 -23.86 25.12 -3.92
C GLN B 242 -23.32 26.57 -3.88
C GLN B 242 -23.45 26.59 -3.89
N SER B 243 -23.20 27.19 -5.05
CA SER B 243 -22.79 28.61 -5.16
C SER B 243 -24.00 29.54 -5.02
N ARG B 244 -25.20 29.00 -4.76
CA ARG B 244 -26.45 29.82 -4.75
C ARG B 244 -26.94 30.06 -3.33
N SER B 245 -27.62 31.18 -3.13
CA SER B 245 -28.23 31.53 -1.84
C SER B 245 -29.34 30.54 -1.48
N PRO B 246 -29.66 30.40 -0.19
CA PRO B 246 -30.84 29.63 0.25
C PRO B 246 -32.15 29.98 -0.48
N SER B 247 -32.45 31.26 -0.66
CA SER B 247 -33.71 31.69 -1.32
C SER B 247 -33.68 31.22 -2.79
N GLU B 248 -32.51 31.24 -3.43
CA GLU B 248 -32.39 30.84 -4.86
C GLU B 248 -32.46 29.31 -4.97
N LYS B 249 -31.96 28.60 -3.97
CA LYS B 249 -32.08 27.12 -3.90
C LYS B 249 -33.57 26.74 -3.80
N GLU B 250 -34.30 27.39 -2.89
CA GLU B 250 -35.76 27.18 -2.76
C GLU B 250 -36.48 27.48 -4.08
N HIS B 251 -36.14 28.61 -4.70
CA HIS B 251 -36.79 29.09 -5.93
C HIS B 251 -36.68 28.00 -7.01
N PHE B 252 -35.52 27.32 -7.10
CA PHE B 252 -35.26 26.27 -8.10
C PHE B 252 -36.28 25.13 -7.91
N TYR B 253 -36.55 24.75 -6.67
CA TYR B 253 -37.56 23.71 -6.32
C TYR B 253 -38.99 24.22 -6.59
N GLN B 254 -39.25 25.49 -6.26
CA GLN B 254 -40.57 26.12 -6.52
C GLN B 254 -40.94 25.98 -8.00
N ARG B 255 -39.99 26.27 -8.89
CA ARG B 255 -40.15 26.19 -10.36
C ARG B 255 -40.11 24.74 -10.85
N GLN B 256 -39.66 23.78 -10.02
CA GLN B 256 -39.44 22.35 -10.44
C GLN B 256 -38.48 22.30 -11.64
N HIS B 257 -37.40 23.06 -11.60
CA HIS B 257 -36.33 22.98 -12.62
C HIS B 257 -35.67 21.60 -12.51
N ARG B 258 -35.28 21.00 -13.62
CA ARG B 258 -34.57 19.71 -13.60
C ARG B 258 -33.10 19.96 -13.27
N LEU B 259 -32.56 19.15 -12.39
CA LEU B 259 -31.11 19.19 -12.04
C LEU B 259 -30.29 18.76 -13.25
N PRO B 260 -29.02 19.23 -13.33
CA PRO B 260 -28.15 18.89 -14.45
C PRO B 260 -27.94 17.38 -14.54
N GLU B 261 -27.53 16.89 -15.71
CA GLU B 261 -27.16 15.47 -15.92
C GLU B 261 -25.64 15.38 -15.98
N PRO B 262 -25.05 14.23 -15.58
CA PRO B 262 -23.67 13.92 -15.99
C PRO B 262 -23.71 13.54 -17.47
N SER B 263 -22.69 13.92 -18.25
CA SER B 263 -22.56 13.58 -19.69
C SER B 263 -22.57 12.05 -19.88
N CYS B 264 -22.03 11.28 -18.91
CA CYS B 264 -21.78 9.81 -19.02
C CYS B 264 -23.11 9.05 -19.09
N PRO B 265 -23.23 8.05 -19.99
CA PRO B 265 -24.46 7.26 -20.11
C PRO B 265 -24.63 6.44 -18.83
N GLN B 266 -23.49 6.02 -18.23
CA GLN B 266 -23.41 5.20 -17.00
C GLN B 266 -24.47 5.67 -15.99
N LEU B 267 -24.63 6.99 -15.77
CA LEU B 267 -25.49 7.53 -14.67
C LEU B 267 -26.60 8.48 -15.16
N ALA B 268 -26.53 9.00 -16.38
CA ALA B 268 -27.43 10.08 -16.87
C ALA B 268 -28.91 9.69 -16.67
N THR B 269 -29.32 8.52 -17.14
CA THR B 269 -30.74 8.06 -17.09
C THR B 269 -31.15 7.88 -15.62
N LEU B 270 -30.22 7.33 -14.85
CA LEU B 270 -30.46 6.93 -13.46
C LEU B 270 -30.58 8.17 -12.56
N THR B 271 -29.71 9.17 -12.72
CA THR B 271 -29.79 10.44 -11.95
C THR B 271 -31.15 11.10 -12.22
N SER B 272 -31.55 11.14 -13.49
CA SER B 272 -32.79 11.81 -13.89
C SER B 272 -33.99 11.12 -13.24
N GLN B 273 -34.02 9.79 -13.22
CA GLN B 273 -35.16 9.01 -12.66
C GLN B 273 -35.25 9.24 -11.14
N CYS B 274 -34.10 9.23 -10.46
CA CYS B 274 -33.98 9.45 -9.00
C CYS B 274 -34.42 10.88 -8.67
N LEU B 275 -34.02 11.84 -9.50
CA LEU B 275 -34.28 13.29 -9.31
C LEU B 275 -35.56 13.68 -10.08
N THR B 276 -36.59 12.85 -9.93
CA THR B 276 -37.98 13.09 -10.35
C THR B 276 -38.75 13.67 -9.17
N TYR B 277 -39.49 14.76 -9.38
CA TYR B 277 -40.19 15.48 -8.28
C TYR B 277 -41.28 14.57 -7.69
N GLU B 278 -42.00 13.81 -8.51
CA GLU B 278 -43.03 12.85 -8.04
C GLU B 278 -42.33 11.65 -7.37
N PRO B 279 -42.42 11.51 -6.03
CA PRO B 279 -41.68 10.47 -5.33
C PRO B 279 -41.98 9.03 -5.77
N THR B 280 -43.20 8.72 -6.19
CA THR B 280 -43.61 7.34 -6.60
C THR B 280 -43.03 6.98 -7.98
N GLN B 281 -42.49 7.96 -8.72
N GLN B 281 -42.48 7.95 -8.71
CA GLN B 281 -41.86 7.75 -10.05
CA GLN B 281 -41.87 7.71 -10.05
C GLN B 281 -40.40 7.30 -9.89
C GLN B 281 -40.36 7.44 -9.92
N ARG B 282 -39.81 7.43 -8.70
CA ARG B 282 -38.37 7.12 -8.49
C ARG B 282 -38.18 5.61 -8.44
N PRO B 283 -37.11 5.07 -9.06
CA PRO B 283 -36.93 3.63 -9.14
C PRO B 283 -36.52 2.99 -7.81
N SER B 284 -36.89 1.72 -7.60
CA SER B 284 -36.45 0.92 -6.43
C SER B 284 -34.92 0.85 -6.44
N PHE B 285 -34.32 0.64 -5.27
CA PHE B 285 -32.87 0.33 -5.14
C PHE B 285 -32.54 -1.01 -5.80
N ARG B 286 -33.50 -1.92 -5.91
CA ARG B 286 -33.32 -3.17 -6.67
C ARG B 286 -33.04 -2.80 -8.13
N THR B 287 -33.87 -1.92 -8.72
CA THR B 287 -33.67 -1.43 -10.11
C THR B 287 -32.35 -0.67 -10.23
N ILE B 288 -32.11 0.28 -9.32
CA ILE B 288 -30.87 1.11 -9.34
C ILE B 288 -29.64 0.18 -9.35
N LEU B 289 -29.58 -0.79 -8.46
CA LEU B 289 -28.38 -1.65 -8.28
C LEU B 289 -28.17 -2.51 -9.53
N ARG B 290 -29.26 -3.04 -10.11
CA ARG B 290 -29.24 -3.82 -11.36
C ARG B 290 -28.64 -2.96 -12.48
N ASP B 291 -29.14 -1.73 -12.63
CA ASP B 291 -28.70 -0.79 -13.69
C ASP B 291 -27.22 -0.43 -13.47
N LEU B 292 -26.72 -0.43 -12.23
CA LEU B 292 -25.30 -0.09 -11.93
C LEU B 292 -24.36 -1.28 -12.18
N THR B 293 -24.84 -2.53 -12.20
CA THR B 293 -23.96 -3.73 -12.18
C THR B 293 -24.01 -4.49 -13.51
N GLN C 4 24.29 -13.78 -34.89
CA GLN C 4 25.64 -14.44 -34.93
C GLN C 4 25.58 -15.69 -34.04
N LEU C 5 25.15 -16.82 -34.60
CA LEU C 5 25.04 -18.13 -33.92
C LEU C 5 26.37 -18.88 -34.05
N SER C 6 26.90 -19.38 -32.92
CA SER C 6 28.25 -20.00 -32.85
C SER C 6 28.17 -21.32 -32.09
N PHE C 7 28.42 -22.42 -32.78
CA PHE C 7 28.42 -23.80 -32.25
C PHE C 7 29.26 -24.66 -33.19
N HIS C 8 29.73 -25.80 -32.71
CA HIS C 8 30.50 -26.77 -33.52
C HIS C 8 29.53 -27.58 -34.37
N ARG C 9 29.76 -27.66 -35.67
CA ARG C 9 29.00 -28.55 -36.58
C ARG C 9 29.58 -29.96 -36.43
N VAL C 10 28.79 -30.88 -35.91
CA VAL C 10 29.14 -32.33 -35.80
C VAL C 10 28.70 -33.04 -37.09
N ASP C 11 29.60 -33.75 -37.75
CA ASP C 11 29.23 -34.58 -38.94
C ASP C 11 28.48 -35.82 -38.46
N GLN C 12 27.42 -36.20 -39.17
CA GLN C 12 26.66 -37.43 -38.87
C GLN C 12 27.61 -38.64 -38.79
N LYS C 13 28.76 -38.61 -39.48
CA LYS C 13 29.72 -39.75 -39.45
C LYS C 13 30.26 -39.97 -38.03
N GLU C 14 30.31 -38.92 -37.22
CA GLU C 14 31.00 -38.94 -35.90
C GLU C 14 30.08 -39.43 -34.77
N ILE C 15 28.76 -39.65 -35.00
CA ILE C 15 27.83 -40.01 -33.89
C ILE C 15 27.26 -41.41 -34.13
N THR C 16 27.01 -42.13 -33.04
CA THR C 16 26.24 -43.40 -33.00
C THR C 16 25.10 -43.21 -32.00
N GLN C 17 23.89 -43.61 -32.38
CA GLN C 17 22.72 -43.46 -31.48
C GLN C 17 22.46 -44.80 -30.79
N LEU C 18 22.33 -44.79 -29.47
CA LEU C 18 22.05 -46.02 -28.68
C LEU C 18 20.63 -45.89 -28.12
N SER C 19 20.39 -46.24 -26.85
CA SER C 19 19.04 -46.43 -26.30
C SER C 19 18.35 -45.06 -26.08
N HIS C 20 17.05 -45.07 -26.26
CA HIS C 20 16.16 -43.94 -25.88
C HIS C 20 16.17 -43.77 -24.36
N LEU C 21 16.36 -42.54 -23.91
CA LEU C 21 16.35 -42.16 -22.48
C LEU C 21 15.08 -41.39 -22.11
N GLY C 22 14.38 -40.80 -23.07
CA GLY C 22 13.14 -40.08 -22.75
C GLY C 22 12.89 -38.93 -23.70
N GLN C 23 11.80 -38.20 -23.45
CA GLN C 23 11.35 -37.04 -24.26
C GLN C 23 11.75 -35.74 -23.55
N GLY C 24 12.08 -34.74 -24.36
CA GLY C 24 12.08 -33.32 -23.96
C GLY C 24 11.01 -32.60 -24.75
N THR C 25 10.95 -31.28 -24.63
CA THR C 25 9.93 -30.51 -25.38
C THR C 25 10.26 -30.61 -26.87
N ARG C 26 9.39 -31.26 -27.66
CA ARG C 26 9.62 -31.55 -29.10
C ARG C 26 10.95 -32.26 -29.37
N THR C 27 11.47 -33.02 -28.41
CA THR C 27 12.73 -33.77 -28.61
C THR C 27 12.63 -35.18 -28.05
N ASN C 28 13.56 -36.03 -28.49
CA ASN C 28 13.84 -37.38 -27.93
C ASN C 28 15.34 -37.48 -27.64
N VAL C 29 15.66 -38.00 -26.46
CA VAL C 29 17.05 -38.04 -25.92
C VAL C 29 17.50 -39.49 -25.96
N TYR C 30 18.65 -39.73 -26.58
CA TYR C 30 19.28 -41.06 -26.68
C TYR C 30 20.68 -41.00 -26.09
N GLU C 31 21.09 -42.07 -25.43
CA GLU C 31 22.53 -42.29 -25.21
C GLU C 31 23.18 -42.33 -26.59
N GLY C 32 24.41 -41.82 -26.70
CA GLY C 32 25.12 -41.82 -27.98
C GLY C 32 26.59 -41.97 -27.74
N ARG C 33 27.33 -42.04 -28.84
CA ARG C 33 28.80 -41.98 -28.83
C ARG C 33 29.21 -40.87 -29.79
N LEU C 34 30.25 -40.12 -29.45
CA LEU C 34 30.84 -39.07 -30.31
C LEU C 34 32.31 -39.42 -30.53
N ARG C 35 32.74 -39.55 -31.77
CA ARG C 35 34.14 -39.93 -32.09
C ARG C 35 34.96 -38.69 -32.45
N GLN C 61 39.24 -42.10 -30.56
CA GLN C 61 38.63 -41.83 -29.23
C GLN C 61 37.10 -41.72 -29.38
N GLU C 62 36.37 -42.23 -28.39
CA GLU C 62 34.90 -42.38 -28.38
C GLU C 62 34.42 -41.75 -27.06
N LEU C 63 33.44 -40.86 -27.10
CA LEU C 63 32.89 -40.26 -25.87
C LEU C 63 31.42 -40.64 -25.72
N ARG C 64 31.02 -40.98 -24.51
CA ARG C 64 29.61 -41.20 -24.18
C ARG C 64 28.96 -39.82 -24.16
N VAL C 65 27.87 -39.65 -24.91
CA VAL C 65 27.14 -38.37 -25.01
C VAL C 65 25.64 -38.66 -24.90
N VAL C 66 24.83 -37.61 -24.90
CA VAL C 66 23.39 -37.74 -25.23
C VAL C 66 23.15 -37.02 -26.56
N LEU C 67 22.21 -37.55 -27.32
CA LEU C 67 21.76 -36.99 -28.59
C LEU C 67 20.33 -36.51 -28.36
N LYS C 68 20.11 -35.22 -28.57
CA LYS C 68 18.75 -34.64 -28.48
C LYS C 68 18.25 -34.40 -29.91
N VAL C 69 17.34 -35.26 -30.35
CA VAL C 69 16.80 -35.27 -31.74
C VAL C 69 15.54 -34.42 -31.74
N LEU C 70 15.58 -33.29 -32.46
CA LEU C 70 14.43 -32.39 -32.62
C LEU C 70 13.41 -33.10 -33.51
N ASP C 71 12.17 -33.21 -33.02
CA ASP C 71 11.03 -33.70 -33.85
C ASP C 71 10.90 -32.89 -35.12
N PRO C 72 10.29 -33.48 -36.18
CA PRO C 72 9.96 -32.74 -37.41
C PRO C 72 9.28 -31.44 -36.99
N SER C 73 9.88 -30.33 -37.39
CA SER C 73 9.53 -28.99 -36.86
C SER C 73 9.69 -27.98 -37.97
N HIS C 74 8.89 -26.92 -37.89
CA HIS C 74 9.03 -25.68 -38.68
C HIS C 74 10.37 -25.01 -38.33
N HIS C 75 10.88 -24.26 -39.28
CA HIS C 75 12.10 -23.41 -39.15
C HIS C 75 12.17 -22.70 -37.79
N ASP C 76 11.07 -22.11 -37.32
CA ASP C 76 11.12 -21.21 -36.13
C ASP C 76 11.49 -22.02 -34.88
N ILE C 77 11.00 -23.26 -34.78
CA ILE C 77 11.33 -24.19 -33.66
C ILE C 77 12.81 -24.57 -33.79
N ALA C 78 13.23 -24.98 -34.99
CA ALA C 78 14.65 -25.33 -35.29
C ALA C 78 15.57 -24.15 -34.94
N LEU C 79 15.17 -22.91 -35.25
CA LEU C 79 16.01 -21.72 -34.98
C LEU C 79 16.19 -21.58 -33.47
N ALA C 80 15.11 -21.77 -32.69
CA ALA C 80 15.13 -21.65 -31.21
C ALA C 80 16.03 -22.74 -30.62
N PHE C 81 16.02 -23.92 -31.23
CA PHE C 81 16.89 -25.06 -30.88
C PHE C 81 18.35 -24.69 -31.15
N TYR C 82 18.69 -24.18 -32.34
CA TYR C 82 20.07 -23.73 -32.64
C TYR C 82 20.51 -22.58 -31.70
N GLU C 83 19.59 -21.66 -31.36
CA GLU C 83 19.91 -20.52 -30.45
C GLU C 83 20.36 -21.05 -29.10
N THR C 84 19.68 -22.09 -28.60
CA THR C 84 20.07 -22.75 -27.33
C THR C 84 21.46 -23.36 -27.49
N ALA C 85 21.77 -24.05 -28.58
CA ALA C 85 23.10 -24.68 -28.80
C ALA C 85 24.16 -23.56 -28.76
N SER C 86 23.84 -22.42 -29.39
CA SER C 86 24.73 -21.25 -29.50
C SER C 86 25.03 -20.67 -28.11
N LEU C 87 23.98 -20.41 -27.32
CA LEU C 87 24.07 -19.94 -25.91
C LEU C 87 24.98 -20.88 -25.13
N MET C 88 24.69 -22.17 -25.13
CA MET C 88 25.38 -23.18 -24.28
C MET C 88 26.82 -23.39 -24.78
N SER C 89 27.09 -23.15 -26.07
CA SER C 89 28.44 -23.32 -26.66
C SER C 89 29.36 -22.16 -26.24
N GLN C 90 28.82 -21.05 -25.75
CA GLN C 90 29.61 -19.83 -25.47
C GLN C 90 29.69 -19.53 -23.97
N VAL C 91 29.06 -20.32 -23.13
CA VAL C 91 29.21 -20.24 -21.65
C VAL C 91 30.02 -21.43 -21.13
N SER C 92 30.66 -21.25 -19.98
CA SER C 92 31.38 -22.29 -19.20
C SER C 92 31.09 -22.08 -17.72
N HIS C 93 30.71 -23.15 -17.05
CA HIS C 93 30.62 -23.20 -15.59
C HIS C 93 30.58 -24.67 -15.18
N THR C 94 31.18 -24.98 -14.04
CA THR C 94 31.26 -26.39 -13.60
C THR C 94 29.85 -26.96 -13.43
N HIS C 95 28.82 -26.12 -13.16
CA HIS C 95 27.46 -26.67 -12.89
C HIS C 95 26.57 -26.44 -14.10
N LEU C 96 27.15 -26.17 -15.26
CA LEU C 96 26.44 -26.19 -16.56
C LEU C 96 26.90 -27.36 -17.41
N ALA C 97 25.98 -28.14 -17.94
CA ALA C 97 26.30 -29.24 -18.89
C ALA C 97 26.97 -28.67 -20.15
N PHE C 98 27.89 -29.44 -20.72
CA PHE C 98 28.63 -29.12 -21.96
C PHE C 98 27.77 -29.47 -23.18
N VAL C 99 27.86 -28.63 -24.21
CA VAL C 99 27.24 -28.87 -25.54
C VAL C 99 28.39 -29.08 -26.54
N HIS C 100 28.47 -30.28 -27.10
CA HIS C 100 29.50 -30.71 -28.09
C HIS C 100 29.22 -30.08 -29.45
N GLY C 101 27.95 -29.85 -29.77
CA GLY C 101 27.56 -29.15 -31.01
C GLY C 101 26.26 -29.69 -31.56
N VAL C 102 26.01 -29.38 -32.83
CA VAL C 102 24.74 -29.70 -33.52
C VAL C 102 25.09 -30.53 -34.75
N CYS C 103 24.37 -31.62 -34.95
CA CYS C 103 24.52 -32.54 -36.09
C CYS C 103 23.26 -32.51 -36.94
N VAL C 104 23.42 -32.42 -38.26
CA VAL C 104 22.30 -32.62 -39.23
C VAL C 104 22.47 -34.04 -39.81
N ARG C 105 21.51 -34.89 -39.48
CA ARG C 105 21.47 -36.31 -39.92
C ARG C 105 20.21 -36.48 -40.75
N GLY C 106 20.34 -36.56 -42.07
CA GLY C 106 19.20 -36.47 -42.99
C GLY C 106 18.38 -35.22 -42.67
N PRO C 107 17.07 -35.38 -42.39
CA PRO C 107 16.20 -34.24 -42.07
C PRO C 107 16.23 -33.86 -40.58
N GLU C 108 16.97 -34.59 -39.74
CA GLU C 108 16.90 -34.44 -38.25
C GLU C 108 18.02 -33.50 -37.76
N ASN C 109 17.67 -32.53 -36.91
CA ASN C 109 18.62 -31.66 -36.17
C ASN C 109 18.81 -32.27 -34.80
N ILE C 110 20.07 -32.50 -34.46
CA ILE C 110 20.50 -33.23 -33.24
C ILE C 110 21.48 -32.36 -32.47
N MET C 111 21.15 -32.09 -31.22
CA MET C 111 22.08 -31.43 -30.27
C MET C 111 22.83 -32.55 -29.54
N VAL C 112 24.15 -32.46 -29.56
CA VAL C 112 25.06 -33.43 -28.93
C VAL C 112 25.56 -32.79 -27.63
N THR C 113 25.16 -33.34 -26.50
CA THR C 113 25.39 -32.69 -25.19
C THR C 113 25.96 -33.73 -24.21
N GLU C 114 26.41 -33.23 -23.08
CA GLU C 114 27.09 -34.03 -22.04
C GLU C 114 26.16 -35.10 -21.47
N TYR C 115 26.63 -36.34 -21.47
CA TYR C 115 25.98 -37.44 -20.73
C TYR C 115 26.34 -37.25 -19.25
N VAL C 116 25.34 -37.20 -18.40
CA VAL C 116 25.56 -36.99 -16.95
C VAL C 116 25.09 -38.27 -16.26
N GLU C 117 25.96 -38.89 -15.48
CA GLU C 117 25.88 -40.32 -15.04
C GLU C 117 24.50 -40.70 -14.47
N HIS C 118 23.99 -39.97 -13.48
CA HIS C 118 22.80 -40.42 -12.69
C HIS C 118 21.52 -39.76 -13.19
N GLY C 119 21.58 -38.97 -14.25
CA GLY C 119 20.38 -38.55 -14.98
C GLY C 119 19.63 -37.43 -14.23
N PRO C 120 18.36 -37.19 -14.61
CA PRO C 120 17.61 -36.07 -14.06
C PRO C 120 17.27 -36.20 -12.56
N LEU C 121 17.37 -35.08 -11.86
CA LEU C 121 17.19 -34.97 -10.40
C LEU C 121 15.74 -35.28 -9.99
N ASP C 122 14.75 -34.79 -10.74
CA ASP C 122 13.33 -34.97 -10.36
C ASP C 122 13.04 -36.48 -10.25
N VAL C 123 13.43 -37.23 -11.27
CA VAL C 123 13.24 -38.70 -11.35
C VAL C 123 13.99 -39.34 -10.18
N TRP C 124 15.22 -38.91 -9.95
CA TRP C 124 16.11 -39.46 -8.89
C TRP C 124 15.44 -39.24 -7.53
N LEU C 125 15.00 -38.02 -7.26
CA LEU C 125 14.40 -37.68 -5.95
C LEU C 125 13.14 -38.53 -5.71
N ARG C 126 12.34 -38.79 -6.74
CA ARG C 126 11.08 -39.58 -6.58
C ARG C 126 11.44 -41.03 -6.24
N ARG C 127 12.51 -41.52 -6.84
CA ARG C 127 12.99 -42.91 -6.58
C ARG C 127 13.59 -42.99 -5.17
N GLU C 128 14.21 -41.92 -4.66
CA GLU C 128 14.93 -41.94 -3.36
C GLU C 128 14.09 -41.26 -2.28
N ARG C 129 12.78 -41.08 -2.53
CA ARG C 129 11.93 -40.19 -1.70
C ARG C 129 11.93 -40.67 -0.26
N GLY C 130 12.03 -39.72 0.66
CA GLY C 130 11.96 -39.98 2.10
C GLY C 130 13.31 -40.26 2.72
N HIS C 131 14.39 -40.49 1.94
CA HIS C 131 15.75 -40.69 2.50
C HIS C 131 16.78 -39.82 1.76
N VAL C 132 16.39 -38.63 1.35
CA VAL C 132 17.33 -37.60 0.83
C VAL C 132 17.39 -36.48 1.86
N PRO C 133 18.52 -36.34 2.59
CA PRO C 133 18.61 -35.38 3.70
C PRO C 133 18.61 -33.91 3.24
N MET C 134 18.22 -33.03 4.16
CA MET C 134 18.08 -31.59 3.84
C MET C 134 19.46 -31.02 3.46
N ALA C 135 20.52 -31.45 4.16
CA ALA C 135 21.92 -31.02 3.90
C ALA C 135 22.29 -31.31 2.45
N TRP C 136 21.93 -32.49 1.95
CA TRP C 136 22.17 -32.89 0.55
C TRP C 136 21.44 -31.91 -0.40
N LYS C 137 20.19 -31.60 -0.10
CA LYS C 137 19.38 -30.70 -0.95
C LYS C 137 19.97 -29.29 -0.93
N MET C 138 20.44 -28.84 0.22
CA MET C 138 21.07 -27.50 0.33
C MET C 138 22.32 -27.43 -0.56
N VAL C 139 23.12 -28.49 -0.66
CA VAL C 139 24.32 -28.47 -1.53
C VAL C 139 23.85 -28.30 -2.97
N VAL C 140 22.78 -28.98 -3.33
CA VAL C 140 22.29 -28.95 -4.74
C VAL C 140 21.80 -27.53 -5.05
N ALA C 141 21.08 -26.91 -4.11
CA ALA C 141 20.57 -25.54 -4.22
C ALA C 141 21.74 -24.55 -4.44
N GLN C 142 22.81 -24.73 -3.66
CA GLN C 142 24.00 -23.83 -3.74
C GLN C 142 24.61 -23.93 -5.15
N GLN C 143 24.79 -25.15 -5.64
CA GLN C 143 25.45 -25.44 -6.94
C GLN C 143 24.61 -24.82 -8.06
N LEU C 144 23.29 -25.05 -8.02
CA LEU C 144 22.34 -24.46 -8.99
C LEU C 144 22.45 -22.92 -8.91
N ALA C 145 22.45 -22.36 -7.71
CA ALA C 145 22.56 -20.90 -7.54
C ALA C 145 23.90 -20.41 -8.10
N SER C 146 24.98 -21.17 -7.97
N SER C 146 24.98 -21.16 -7.93
CA SER C 146 26.31 -20.75 -8.49
CA SER C 146 26.31 -20.82 -8.49
C SER C 146 26.25 -20.70 -10.03
C SER C 146 26.14 -20.65 -10.00
N ALA C 147 25.55 -21.64 -10.67
CA ALA C 147 25.38 -21.63 -12.15
C ALA C 147 24.56 -20.42 -12.61
N LEU C 148 23.45 -20.18 -11.94
CA LEU C 148 22.54 -19.08 -12.31
C LEU C 148 23.14 -17.73 -11.94
N SER C 149 23.98 -17.68 -10.90
CA SER C 149 24.77 -16.47 -10.57
C SER C 149 25.70 -16.11 -11.73
N TYR C 150 26.37 -17.11 -12.29
CA TYR C 150 27.23 -16.94 -13.49
C TYR C 150 26.37 -16.40 -14.65
N LEU C 151 25.26 -17.07 -14.97
CA LEU C 151 24.38 -16.62 -16.09
C LEU C 151 23.87 -15.20 -15.79
N GLU C 152 23.48 -14.90 -14.56
CA GLU C 152 23.00 -13.55 -14.19
C GLU C 152 24.08 -12.52 -14.54
N ASN C 153 25.32 -12.80 -14.20
CA ASN C 153 26.45 -11.87 -14.44
C ASN C 153 26.63 -11.64 -15.95
N LYS C 154 26.39 -12.67 -16.75
CA LYS C 154 26.55 -12.61 -18.23
C LYS C 154 25.31 -11.94 -18.86
N ASN C 155 24.28 -11.70 -18.05
CA ASN C 155 22.93 -11.25 -18.50
C ASN C 155 22.36 -12.21 -19.55
N LEU C 156 22.47 -13.52 -19.30
CA LEU C 156 21.95 -14.58 -20.19
C LEU C 156 20.82 -15.32 -19.50
N VAL C 157 19.74 -15.59 -20.24
CA VAL C 157 18.55 -16.32 -19.73
C VAL C 157 18.71 -17.81 -20.07
N HIS C 158 18.45 -18.65 -19.08
CA HIS C 158 18.30 -20.11 -19.27
C HIS C 158 16.88 -20.39 -19.75
N GLY C 159 15.90 -20.05 -18.92
CA GLY C 159 14.48 -20.07 -19.31
C GLY C 159 13.83 -21.41 -19.08
N ASN C 160 14.52 -22.39 -18.51
CA ASN C 160 13.89 -23.70 -18.24
C ASN C 160 14.54 -24.32 -17.01
N VAL C 161 14.66 -23.55 -15.95
CA VAL C 161 15.13 -24.08 -14.65
C VAL C 161 14.04 -24.96 -14.05
N CYS C 162 14.34 -26.23 -13.84
CA CYS C 162 13.43 -27.25 -13.25
C CYS C 162 14.27 -28.48 -12.88
N GLY C 163 13.74 -29.32 -11.98
CA GLY C 163 14.35 -30.57 -11.53
C GLY C 163 14.75 -31.45 -12.69
N ARG C 164 13.95 -31.48 -13.76
CA ARG C 164 14.21 -32.38 -14.93
C ARG C 164 15.54 -31.99 -15.57
N ASN C 165 15.83 -30.70 -15.59
CA ASN C 165 17.05 -30.14 -16.25
C ASN C 165 18.26 -30.14 -15.31
N ILE C 166 18.10 -30.54 -14.06
CA ILE C 166 19.26 -30.68 -13.16
C ILE C 166 19.73 -32.13 -13.32
N LEU C 167 20.97 -32.33 -13.74
CA LEU C 167 21.53 -33.68 -13.98
C LEU C 167 22.51 -33.99 -12.86
N LEU C 168 22.42 -35.20 -12.32
CA LEU C 168 23.23 -35.62 -11.15
C LEU C 168 24.49 -36.35 -11.63
N ALA C 169 25.64 -35.69 -11.52
CA ALA C 169 26.96 -36.25 -11.92
C ALA C 169 27.52 -37.11 -10.78
N ARG C 170 27.31 -36.72 -9.52
CA ARG C 170 27.82 -37.49 -8.35
C ARG C 170 26.70 -37.58 -7.29
N LEU C 171 26.54 -38.77 -6.73
CA LEU C 171 25.37 -39.14 -5.88
C LEU C 171 25.52 -38.42 -4.54
N GLY C 172 26.70 -38.40 -3.93
CA GLY C 172 26.93 -37.68 -2.67
C GLY C 172 26.08 -38.16 -1.48
N LEU C 173 25.55 -39.40 -1.48
CA LEU C 173 24.76 -39.94 -0.34
C LEU C 173 25.69 -40.70 0.61
N ALA C 174 26.74 -41.34 0.06
CA ALA C 174 27.78 -42.06 0.84
C ALA C 174 28.47 -41.09 1.82
N GLU C 175 28.64 -41.52 3.07
CA GLU C 175 29.43 -40.84 4.16
C GLU C 175 30.65 -40.16 3.56
N GLY C 176 30.91 -38.90 3.93
CA GLY C 176 32.01 -38.08 3.38
C GLY C 176 31.64 -37.31 2.11
N THR C 177 31.15 -38.00 1.07
CA THR C 177 30.92 -37.45 -0.30
C THR C 177 29.84 -36.35 -0.33
N SER C 178 29.85 -35.51 -1.36
CA SER C 178 28.80 -34.51 -1.67
C SER C 178 28.27 -34.70 -3.09
N PRO C 179 26.99 -34.35 -3.35
CA PRO C 179 26.46 -34.42 -4.72
C PRO C 179 27.13 -33.41 -5.65
N PHE C 180 27.00 -33.63 -6.95
CA PHE C 180 27.46 -32.68 -7.99
C PHE C 180 26.48 -32.68 -9.14
N ILE C 181 25.98 -31.49 -9.50
CA ILE C 181 24.92 -31.33 -10.53
C ILE C 181 25.47 -30.55 -11.74
N LYS C 182 24.85 -30.80 -12.88
CA LYS C 182 25.03 -30.07 -14.14
C LYS C 182 23.63 -29.66 -14.60
N LEU C 183 23.41 -28.36 -14.77
CA LEU C 183 22.15 -27.83 -15.34
C LEU C 183 22.22 -28.06 -16.85
N SER C 184 21.25 -28.81 -17.36
CA SER C 184 21.08 -29.13 -18.80
C SER C 184 20.85 -27.86 -19.63
N ASP C 185 21.18 -27.91 -20.91
CA ASP C 185 20.73 -26.91 -21.91
C ASP C 185 19.22 -26.77 -21.71
N PRO C 186 18.61 -25.61 -21.95
CA PRO C 186 17.15 -25.46 -21.85
C PRO C 186 16.28 -26.06 -22.98
N GLY C 187 16.90 -26.67 -24.00
CA GLY C 187 16.24 -27.21 -25.21
C GLY C 187 15.65 -26.08 -26.04
N VAL C 188 14.58 -26.34 -26.77
CA VAL C 188 13.91 -25.30 -27.62
C VAL C 188 13.63 -24.09 -26.72
N GLY C 189 14.16 -22.93 -27.11
CA GLY C 189 13.93 -21.64 -26.45
C GLY C 189 12.45 -21.39 -26.14
N LEU C 190 12.17 -20.94 -24.94
CA LEU C 190 10.81 -20.69 -24.42
C LEU C 190 10.02 -19.79 -25.38
N GLY C 191 10.67 -18.80 -25.99
CA GLY C 191 10.01 -17.83 -26.87
C GLY C 191 9.38 -18.51 -28.07
N ALA C 192 9.77 -19.75 -28.42
CA ALA C 192 9.24 -20.44 -29.63
C ALA C 192 8.06 -21.35 -29.27
N LEU C 193 7.81 -21.57 -27.99
CA LEU C 193 6.88 -22.64 -27.55
C LEU C 193 5.44 -22.13 -27.59
N SER C 194 4.51 -23.09 -27.65
CA SER C 194 3.03 -22.87 -27.66
C SER C 194 2.55 -22.41 -26.27
N ARG C 195 1.40 -21.78 -26.25
CA ARG C 195 0.76 -21.39 -24.97
C ARG C 195 0.56 -22.63 -24.12
N GLU C 196 0.21 -23.76 -24.74
CA GLU C 196 -0.11 -25.02 -24.02
C GLU C 196 1.16 -25.55 -23.36
N GLU C 197 2.29 -25.46 -24.07
CA GLU C 197 3.62 -25.86 -23.55
C GLU C 197 3.96 -24.96 -22.35
N ARG C 198 3.71 -23.65 -22.43
CA ARG C 198 4.05 -22.74 -21.29
C ARG C 198 3.21 -23.14 -20.07
N VAL C 199 1.92 -23.41 -20.26
CA VAL C 199 0.98 -23.83 -19.17
C VAL C 199 1.50 -25.12 -18.55
N GLU C 200 1.94 -26.08 -19.36
CA GLU C 200 2.46 -27.38 -18.86
C GLU C 200 3.68 -27.11 -17.96
N ARG C 201 4.38 -25.98 -18.16
CA ARG C 201 5.60 -25.62 -17.37
C ARG C 201 5.26 -24.84 -16.10
N ILE C 202 3.99 -24.54 -15.83
CA ILE C 202 3.60 -24.00 -14.50
C ILE C 202 3.85 -25.11 -13.47
N PRO C 203 4.46 -24.87 -12.29
CA PRO C 203 4.83 -23.54 -11.80
C PRO C 203 6.28 -23.11 -11.99
N TRP C 204 7.06 -23.79 -12.83
CA TRP C 204 8.46 -23.38 -13.14
C TRP C 204 8.45 -22.10 -13.97
N LEU C 205 7.51 -22.00 -14.91
CA LEU C 205 7.31 -20.83 -15.80
C LEU C 205 6.99 -19.59 -14.96
N ALA C 206 7.74 -18.51 -15.15
CA ALA C 206 7.48 -17.22 -14.46
C ALA C 206 6.15 -16.68 -14.99
N PRO C 207 5.30 -16.10 -14.12
CA PRO C 207 3.97 -15.68 -14.52
C PRO C 207 3.99 -14.67 -15.68
N GLU C 208 5.04 -13.84 -15.75
CA GLU C 208 5.14 -12.81 -16.83
C GLU C 208 5.34 -13.49 -18.17
N CYS C 209 5.74 -14.77 -18.19
CA CYS C 209 6.04 -15.51 -19.44
C CYS C 209 4.78 -16.21 -19.97
N LEU C 210 3.68 -16.24 -19.21
CA LEU C 210 2.48 -16.97 -19.69
C LEU C 210 1.86 -16.29 -20.92
N PRO C 211 1.62 -14.95 -20.95
CA PRO C 211 1.08 -14.27 -22.14
C PRO C 211 1.77 -14.48 -23.50
N SER C 216 9.39 -9.49 -21.43
CA SER C 216 9.39 -10.55 -20.37
C SER C 216 10.59 -11.52 -20.49
N LEU C 217 11.49 -11.32 -21.47
CA LEU C 217 12.66 -12.19 -21.81
C LEU C 217 13.88 -11.84 -20.95
N SER C 218 13.76 -11.93 -19.62
CA SER C 218 14.67 -11.33 -18.61
C SER C 218 15.22 -12.42 -17.68
N THR C 219 16.41 -12.23 -17.11
CA THR C 219 17.03 -13.20 -16.16
C THR C 219 16.12 -13.32 -14.93
N ALA C 220 15.23 -12.33 -14.72
CA ALA C 220 14.23 -12.37 -13.62
C ALA C 220 13.43 -13.69 -13.67
N MET C 221 13.14 -14.23 -14.86
CA MET C 221 12.31 -15.46 -14.95
C MET C 221 13.05 -16.65 -14.32
N ASP C 222 14.37 -16.64 -14.32
CA ASP C 222 15.19 -17.77 -13.82
C ASP C 222 15.21 -17.75 -12.28
N LYS C 223 14.99 -16.58 -11.67
CA LYS C 223 14.79 -16.44 -10.21
C LYS C 223 13.49 -17.18 -9.81
N TRP C 224 12.40 -16.95 -10.53
CA TRP C 224 11.13 -17.68 -10.31
C TRP C 224 11.34 -19.19 -10.53
N GLY C 225 11.94 -19.58 -11.66
CA GLY C 225 12.22 -21.01 -11.94
C GLY C 225 13.06 -21.66 -10.85
N PHE C 226 14.06 -20.94 -10.34
CA PHE C 226 14.92 -21.41 -9.24
C PHE C 226 14.06 -21.64 -7.99
N GLY C 227 13.17 -20.71 -7.62
CA GLY C 227 12.28 -20.87 -6.45
C GLY C 227 11.37 -22.08 -6.59
N ALA C 228 10.78 -22.30 -7.76
CA ALA C 228 9.87 -23.43 -8.02
C ALA C 228 10.68 -24.73 -7.91
N THR C 229 11.89 -24.73 -8.43
CA THR C 229 12.81 -25.90 -8.39
C THR C 229 13.20 -26.21 -6.94
N LEU C 230 13.48 -25.21 -6.11
CA LEU C 230 13.72 -25.43 -4.65
C LEU C 230 12.52 -26.17 -4.03
N LEU C 231 11.29 -25.76 -4.37
CA LEU C 231 10.09 -26.42 -3.81
C LEU C 231 10.08 -27.86 -4.27
N GLU C 232 10.30 -28.07 -5.57
CA GLU C 232 10.33 -29.41 -6.20
C GLU C 232 11.35 -30.28 -5.45
N ILE C 233 12.52 -29.73 -5.15
CA ILE C 233 13.62 -30.50 -4.46
C ILE C 233 13.21 -30.76 -3.01
N CYS C 234 12.65 -29.77 -2.31
CA CYS C 234 12.16 -29.92 -0.92
C CYS C 234 11.14 -31.06 -0.86
N PHE C 235 10.26 -31.15 -1.86
CA PHE C 235 9.14 -32.12 -1.91
C PHE C 235 9.53 -33.41 -2.64
N ASP C 236 10.84 -33.72 -2.73
CA ASP C 236 11.38 -35.02 -3.24
C ASP C 236 10.90 -35.24 -4.68
N GLY C 237 10.94 -34.20 -5.51
CA GLY C 237 10.64 -34.28 -6.95
C GLY C 237 9.16 -34.21 -7.27
N GLU C 238 8.31 -33.89 -6.30
CA GLU C 238 6.87 -33.61 -6.55
C GLU C 238 6.67 -32.09 -6.58
N ALA C 239 6.61 -31.45 -7.74
CA ALA C 239 6.47 -29.97 -7.79
C ALA C 239 5.02 -29.64 -7.46
N PRO C 240 4.71 -28.55 -6.73
CA PRO C 240 3.32 -28.19 -6.48
C PRO C 240 2.60 -27.89 -7.81
N LEU C 241 1.28 -28.14 -7.85
CA LEU C 241 0.35 -27.88 -8.98
C LEU C 241 0.47 -28.92 -10.11
N GLN C 242 1.29 -29.97 -9.97
CA GLN C 242 1.65 -30.85 -11.12
C GLN C 242 0.49 -31.72 -11.55
N SER C 243 -0.29 -32.27 -10.63
CA SER C 243 -1.46 -33.11 -10.96
C SER C 243 -2.65 -32.24 -11.41
N ARG C 244 -2.54 -30.91 -11.48
CA ARG C 244 -3.72 -30.08 -11.83
C ARG C 244 -3.83 -29.96 -13.35
N SER C 245 -5.05 -29.75 -13.84
CA SER C 245 -5.37 -29.54 -15.26
C SER C 245 -4.72 -28.25 -15.77
N PRO C 246 -4.54 -28.10 -17.10
CA PRO C 246 -4.08 -26.84 -17.65
C PRO C 246 -4.93 -25.63 -17.21
N SER C 247 -6.26 -25.74 -17.23
CA SER C 247 -7.16 -24.61 -16.85
C SER C 247 -6.97 -24.27 -15.36
N GLU C 248 -6.78 -25.27 -14.51
CA GLU C 248 -6.51 -25.08 -13.06
C GLU C 248 -5.17 -24.36 -12.86
N LYS C 249 -4.16 -24.75 -13.62
CA LYS C 249 -2.80 -24.16 -13.48
C LYS C 249 -2.89 -22.70 -13.94
N GLU C 250 -3.59 -22.46 -15.04
CA GLU C 250 -3.78 -21.09 -15.59
C GLU C 250 -4.54 -20.23 -14.58
N HIS C 251 -5.61 -20.78 -14.00
CA HIS C 251 -6.45 -20.13 -12.97
C HIS C 251 -5.59 -19.70 -11.78
N PHE C 252 -4.68 -20.57 -11.35
CA PHE C 252 -3.76 -20.28 -10.22
C PHE C 252 -2.97 -18.99 -10.50
N TYR C 253 -2.41 -18.85 -11.70
CA TYR C 253 -1.64 -17.66 -12.12
C TYR C 253 -2.57 -16.47 -12.34
N GLN C 254 -3.76 -16.71 -12.90
N GLN C 254 -3.75 -16.68 -12.95
CA GLN C 254 -4.78 -15.65 -13.18
CA GLN C 254 -4.73 -15.59 -13.15
C GLN C 254 -5.20 -14.96 -11.87
C GLN C 254 -5.00 -14.90 -11.81
N ARG C 255 -5.18 -15.67 -10.73
CA ARG C 255 -5.55 -15.09 -9.41
C ARG C 255 -4.30 -14.67 -8.62
N GLN C 256 -3.11 -14.85 -9.19
CA GLN C 256 -1.82 -14.54 -8.52
C GLN C 256 -1.84 -15.20 -7.13
N HIS C 257 -2.20 -16.48 -7.09
CA HIS C 257 -2.26 -17.31 -5.87
C HIS C 257 -0.82 -17.62 -5.43
N ARG C 258 -0.56 -17.64 -4.12
N ARG C 258 -0.54 -17.60 -4.12
CA ARG C 258 0.82 -17.81 -3.58
CA ARG C 258 0.85 -17.78 -3.61
C ARG C 258 1.17 -19.29 -3.59
C ARG C 258 1.18 -19.28 -3.60
N LEU C 259 2.40 -19.63 -4.00
CA LEU C 259 2.86 -21.03 -4.03
C LEU C 259 3.13 -21.46 -2.59
N PRO C 260 3.04 -22.77 -2.25
CA PRO C 260 3.29 -23.23 -0.89
C PRO C 260 4.73 -22.98 -0.43
N GLU C 261 4.93 -23.02 0.89
CA GLU C 261 6.24 -22.88 1.57
C GLU C 261 6.78 -24.27 1.91
N PRO C 262 8.12 -24.48 1.87
CA PRO C 262 8.71 -25.71 2.40
C PRO C 262 8.70 -25.68 3.93
N SER C 263 9.21 -26.73 4.59
CA SER C 263 9.21 -26.88 6.07
C SER C 263 10.24 -25.97 6.74
N CYS C 264 11.42 -25.78 6.15
CA CYS C 264 12.48 -24.88 6.70
C CYS C 264 12.09 -23.42 6.52
N PRO C 265 12.08 -22.57 7.58
CA PRO C 265 11.61 -21.19 7.49
C PRO C 265 12.60 -20.20 6.83
N GLN C 266 13.90 -20.41 7.01
CA GLN C 266 14.96 -19.68 6.25
C GLN C 266 14.78 -19.95 4.76
N LEU C 267 14.48 -21.20 4.39
CA LEU C 267 14.31 -21.64 2.97
C LEU C 267 12.97 -21.10 2.44
N ALA C 268 11.94 -21.07 3.30
CA ALA C 268 10.61 -20.49 3.02
C ALA C 268 10.73 -19.01 2.61
N THR C 269 11.54 -18.24 3.32
CA THR C 269 11.72 -16.79 3.05
C THR C 269 12.24 -16.66 1.62
N LEU C 270 13.23 -17.48 1.31
CA LEU C 270 13.94 -17.48 0.02
C LEU C 270 12.98 -17.90 -1.11
N THR C 271 12.23 -19.00 -0.94
CA THR C 271 11.26 -19.46 -1.97
C THR C 271 10.19 -18.39 -2.17
N SER C 272 9.68 -17.75 -1.12
CA SER C 272 8.59 -16.75 -1.30
C SER C 272 9.15 -15.54 -2.07
N GLN C 273 10.39 -15.13 -1.82
CA GLN C 273 11.03 -13.95 -2.46
C GLN C 273 11.23 -14.20 -3.97
N CYS C 274 11.69 -15.40 -4.31
CA CYS C 274 11.87 -15.85 -5.71
C CYS C 274 10.51 -15.97 -6.39
N LEU C 275 9.53 -16.47 -5.66
CA LEU C 275 8.18 -16.75 -6.22
C LEU C 275 7.28 -15.55 -5.96
N THR C 276 7.76 -14.37 -6.33
CA THR C 276 7.00 -13.09 -6.28
C THR C 276 6.51 -12.76 -7.70
N TYR C 277 5.25 -12.43 -7.87
CA TYR C 277 4.68 -12.21 -9.23
C TYR C 277 5.36 -11.00 -9.89
N GLU C 278 5.71 -9.98 -9.10
CA GLU C 278 6.45 -8.79 -9.62
C GLU C 278 7.91 -9.18 -9.88
N PRO C 279 8.35 -9.31 -11.15
CA PRO C 279 9.70 -9.77 -11.43
C PRO C 279 10.80 -8.91 -10.77
N THR C 280 10.62 -7.60 -10.69
CA THR C 280 11.67 -6.67 -10.18
C THR C 280 11.82 -6.81 -8.66
N GLN C 281 10.92 -7.52 -7.97
CA GLN C 281 11.01 -7.71 -6.50
C GLN C 281 11.82 -8.98 -6.16
N ARG C 282 12.17 -9.81 -7.16
CA ARG C 282 12.84 -11.10 -6.89
C ARG C 282 14.30 -10.79 -6.54
N PRO C 283 14.93 -11.49 -5.59
CA PRO C 283 16.31 -11.18 -5.20
C PRO C 283 17.34 -11.58 -6.27
N SER C 284 18.48 -10.89 -6.31
CA SER C 284 19.64 -11.24 -7.18
C SER C 284 20.19 -12.60 -6.76
N PHE C 285 20.89 -13.27 -7.68
CA PHE C 285 21.59 -14.54 -7.34
C PHE C 285 22.72 -14.26 -6.36
N ARG C 286 23.25 -13.05 -6.32
CA ARG C 286 24.29 -12.74 -5.29
C ARG C 286 23.62 -12.83 -3.93
N THR C 287 22.40 -12.32 -3.79
CA THR C 287 21.67 -12.38 -2.50
C THR C 287 21.31 -13.82 -2.19
N ILE C 288 20.82 -14.55 -3.19
CA ILE C 288 20.32 -15.94 -3.03
C ILE C 288 21.49 -16.82 -2.58
N LEU C 289 22.64 -16.70 -3.26
CA LEU C 289 23.85 -17.50 -2.95
C LEU C 289 24.33 -17.17 -1.53
N ARG C 290 24.45 -15.88 -1.20
CA ARG C 290 24.81 -15.42 0.15
C ARG C 290 23.88 -16.05 1.21
N ASP C 291 22.57 -16.06 0.98
CA ASP C 291 21.60 -16.63 1.95
C ASP C 291 21.71 -18.16 2.03
N LEU C 292 22.09 -18.84 0.94
CA LEU C 292 22.23 -20.32 0.94
C LEU C 292 23.51 -20.76 1.66
N THR C 293 24.58 -19.96 1.69
CA THR C 293 25.94 -20.35 2.18
C THR C 293 26.17 -19.90 3.64
C1 ZSB D . 11.96 20.11 4.03
C3 ZSB D . 10.43 21.37 5.28
C4 ZSB D . 10.97 20.88 6.63
C5 ZSB D . 9.77 21.64 7.20
C6 ZSB D . 9.05 21.39 5.88
C8 ZSB D . 6.99 22.42 4.95
O9 ZSB D . 6.49 21.28 4.72
C11 ZSB D . 4.93 23.69 4.70
N13 ZSB D . 5.64 25.70 5.16
C15 ZSB D . 7.03 27.50 5.71
C16 ZSB D . 8.12 26.65 5.77
C18 ZSB D . 6.70 24.84 5.20
C21 ZSB D . 10.87 25.41 5.57
C23 ZSB D . 13.07 25.53 6.55
C27 ZSB D . 15.38 29.11 8.09
C31 ZSB D . 11.49 27.28 7.01
C34 ZSB D . 4.70 29.20 5.91
O2 ZSB D . 10.56 20.34 4.27
N7 ZSB D . 8.22 22.56 5.51
C10 ZSB D . 6.26 23.59 4.89
N17 ZSB D . 7.92 25.33 5.50
N12 ZSB D . 4.54 24.98 4.84
C14 ZSB D . 5.76 27.01 5.41
N33 ZSB D . 4.68 27.81 5.34
N19 ZSB D . 9.32 27.24 6.10
C20 ZSB D . 10.51 26.61 6.21
O32 ZSB D . 11.20 28.36 7.58
C22 ZSB D . 12.15 24.87 5.74
N24 ZSB D . 12.73 26.75 7.18
C25 ZSB D . 13.70 27.36 7.92
N30 ZSB D . 14.02 26.94 9.15
C29 ZSB D . 15.03 27.59 9.89
C28 ZSB D . 15.71 28.67 9.37
C26 ZSB D . 14.37 28.45 7.37
C ACT E . -8.49 13.14 7.75
O ACT E . -8.68 11.99 7.33
OXT ACT E . -9.03 13.61 8.78
CH3 ACT E . -7.54 14.06 6.95
C1 EDO F . 15.40 12.34 12.99
O1 EDO F . 14.17 13.02 12.99
C2 EDO F . 15.33 10.96 12.46
O2 EDO F . 15.53 10.87 11.06
C1 EDO G . 15.82 20.56 13.73
O1 EDO G . 15.76 21.97 13.86
C2 EDO G . 14.94 19.84 14.68
O2 EDO G . 13.57 20.17 14.61
C ACT H . 16.46 16.68 11.98
O ACT H . 15.96 16.32 10.91
OXT ACT H . 16.10 16.26 13.08
CH3 ACT H . 17.61 17.70 11.95
C ACT I . 14.59 17.98 8.30
O ACT I . 14.95 16.88 7.84
OXT ACT I . 14.62 18.27 9.52
CH3 ACT I . 14.06 19.03 7.34
C1 EDO J . 20.51 16.01 7.77
O1 EDO J . 20.35 16.80 6.61
C2 EDO J . 19.82 16.56 8.97
O2 EDO J . 18.40 16.48 8.89
C1 EDO K . -5.87 18.42 20.49
O1 EDO K . -6.70 19.10 19.59
C2 EDO K . -6.56 17.76 21.62
O2 EDO K . -5.94 16.56 22.03
C1 EDO L . 10.60 35.25 -5.85
O1 EDO L . 10.88 35.50 -4.49
C2 EDO L . 9.44 36.02 -6.37
O2 EDO L . 8.32 35.21 -6.64
C1 ZSB M . -21.57 15.11 11.59
C3 ZSB M . -20.05 14.01 10.21
C4 ZSB M . -20.74 14.26 8.89
C5 ZSB M . -19.60 13.47 8.31
C6 ZSB M . -19.61 12.67 9.64
C8 ZSB M . -18.00 10.97 10.57
O9 ZSB M . -18.94 10.17 10.82
C11 ZSB M . -16.18 9.38 10.77
N13 ZSB M . -14.50 10.67 10.30
C15 ZSB M . -13.20 12.54 9.71
C16 ZSB M . -14.35 13.32 9.68
C18 ZSB M . -15.64 11.42 10.26
C21 ZSB M . -16.36 15.61 9.95
C23 ZSB M . -16.91 17.71 8.89
C27 ZSB M . -13.95 20.71 7.12
C31 ZSB M . -14.85 16.64 8.37
C34 ZSB M . -10.92 10.71 9.46
O2 ZSB M . -21.03 13.84 11.24
N7 ZSB M . -18.25 12.21 10.00
C10 ZSB M . -16.68 10.62 10.59
N17 ZSB M . -15.57 12.74 9.95
N12 ZSB M . -14.83 9.39 10.62
C14 ZSB M . -13.28 11.17 10.03
N33 ZSB M . -12.22 10.34 10.08
N19 ZSB M . -14.17 14.63 9.34
C20 ZSB M . -15.15 15.58 9.24
O32 ZSB M . -13.78 16.65 7.75
C22 ZSB M . -17.23 16.69 9.77
N24 ZSB M . -15.69 17.69 8.18
C25 ZSB M . -15.33 18.70 7.37
N30 ZSB M . -15.77 18.88 6.12
C29 ZSB M . -15.33 19.98 5.33
C28 ZSB M . -14.42 20.90 5.84
C26 ZSB M . -14.41 19.62 7.87
C ACT N . -24.58 16.87 7.56
C ACT N . -24.06 16.72 7.70
O ACT N . -25.82 16.93 7.72
O ACT N . -24.78 16.85 6.67
OXT ACT N . -23.77 17.17 8.47
OXT ACT N . -22.81 16.75 7.68
CH3 ACT N . -24.03 16.42 6.22
CH3 ACT N . -24.76 16.51 9.04
C1 EDO O . -22.09 18.90 0.96
O1 EDO O . -20.94 19.04 1.76
C2 EDO O . -22.83 17.64 1.27
O2 EDO O . -22.24 16.47 0.71
C ACT P . -26.38 18.11 3.56
O ACT P . -26.79 17.62 2.50
OXT ACT P . -26.66 17.65 4.67
CH3 ACT P . -25.46 19.33 3.49
C1 EDO Q . -31.67 15.89 3.51
O1 EDO Q . -31.27 15.67 4.83
C2 EDO Q . -30.64 15.61 2.47
O2 EDO Q . -29.31 15.57 2.92
C1 ZSB R . 15.48 -32.83 -23.01
C3 ZSB R . 16.63 -33.80 -21.18
C4 ZSB R . 15.81 -33.08 -20.10
C5 ZSB R . 16.90 -33.59 -19.15
C6 ZSB R . 17.88 -33.62 -20.34
C8 ZSB R . 20.09 -34.77 -20.51
O9 ZSB R . 20.64 -33.70 -20.90
C11 ZSB R . 22.11 -35.99 -19.93
N13 ZSB R . 21.22 -37.85 -19.27
C15 ZSB R . 19.71 -39.54 -18.71
C16 ZSB R . 18.66 -38.73 -19.14
C18 ZSB R . 20.23 -37.05 -19.68
C21 ZSB R . 16.17 -37.66 -20.40
C23 ZSB R . 13.79 -37.55 -20.13
C27 ZSB R . 10.28 -39.52 -18.96
C31 ZSB R . 15.06 -39.07 -18.79
C34 ZSB R . 21.85 -40.96 -17.44
O2 ZSB R . 16.74 -33.04 -22.38
N7 ZSB R . 18.76 -34.81 -20.22
C10 ZSB R . 20.78 -35.89 -20.11
N17 ZSB R . 18.95 -37.49 -19.60
N12 ZSB R . 22.40 -37.21 -19.42
C14 ZSB R . 21.02 -39.09 -18.78
N33 ZSB R . 22.07 -39.84 -18.40
N19 ZSB R . 17.40 -39.25 -19.00
C20 ZSB R . 16.25 -38.63 -19.41
O32 ZSB R . 15.14 -39.96 -17.92
C22 ZSB R . 14.93 -37.12 -20.77
N24 ZSB R . 13.84 -38.53 -19.14
C25 ZSB R . 12.64 -38.89 -18.61
N30 ZSB R . 12.45 -38.94 -17.28
C29 ZSB R . 11.18 -39.29 -16.75
C28 ZSB R . 10.10 -39.58 -17.58
C26 ZSB R . 11.55 -39.17 -19.45
C1 EDO S . 6.87 -29.09 -20.85
O1 EDO S . 8.12 -28.49 -20.58
C2 EDO S . 6.37 -28.79 -22.21
O2 EDO S . 6.79 -29.75 -23.16
C ACT T . 11.82 -30.17 -20.11
O ACT T . 11.98 -29.16 -20.82
OXT ACT T . 12.06 -30.21 -18.88
CH3 ACT T . 11.29 -31.44 -20.77
C1 EDO U . 8.40 -28.72 -16.68
O1 EDO U . 8.20 -29.65 -17.72
C2 EDO U . 9.40 -27.67 -17.00
O2 EDO U . 10.09 -27.90 -18.22
C ACT V . -1.38 -29.33 -5.48
O ACT V . -1.87 -29.61 -6.59
OXT ACT V . -1.96 -28.67 -4.61
CH3 ACT V . 0.02 -29.83 -5.16
C ACT W . 29.92 -30.75 -41.25
O ACT W . 28.73 -30.61 -41.58
OXT ACT W . 30.47 -31.85 -41.09
CH3 ACT W . 30.75 -29.48 -41.01
C1 EDO X . 34.44 -24.50 -16.12
O1 EDO X . 34.66 -24.83 -14.76
C2 EDO X . 33.59 -25.50 -16.84
O2 EDO X . 34.33 -26.36 -17.69
C1 EDO Y . 10.33 -30.74 -14.17
O1 EDO Y . 11.31 -30.90 -13.21
C2 EDO Y . 9.22 -31.74 -14.05
O2 EDO Y . 9.55 -32.99 -14.58
#